data_1YRE
#
_entry.id   1YRE
#
_cell.length_a   77.590
_cell.length_b   92.053
_cell.length_c   105.331
_cell.angle_alpha   90.00
_cell.angle_beta   90.00
_cell.angle_gamma   90.00
#
_symmetry.space_group_name_H-M   'P 21 21 21'
#
loop_
_entity.id
_entity.type
_entity.pdbx_description
1 polymer 'hypothetical protein PA3270'
2 non-polymer 'COENZYME A'
3 water water
#
_entity_poly.entity_id   1
_entity_poly.type   'polypeptide(L)'
_entity_poly.pdbx_seq_one_letter_code
;GHMSRRAPMFKPLPITLQRGALRLEPLVEADIPELVSLAEANREALQYMDGPTRPDWYRQSLAEQREGRALPLAVRLGVQ
LVGTTRFAEFLPALPACEIGWTWLDQAQHGSGLNRMIKYLMLKHAFDNLRMVRVQLSTAASNLRAQGAIDKLGAQREGVL
RNHRRLAGGRLDDTFVYSITDHEWPQVKAALEASFTG
;
_entity_poly.pdbx_strand_id   A,B,C,D
#
# COMPACT_ATOMS: atom_id res chain seq x y z
N LEU A 13 0.12 -4.58 30.47
CA LEU A 13 0.71 -4.93 31.81
C LEU A 13 2.23 -4.68 31.88
N PRO A 14 2.72 -4.12 33.02
CA PRO A 14 4.09 -3.63 33.10
C PRO A 14 5.09 -4.77 33.00
N ILE A 15 6.21 -4.50 32.38
CA ILE A 15 7.19 -5.54 32.13
C ILE A 15 8.55 -4.97 32.43
N THR A 16 9.45 -5.81 32.96
CA THR A 16 10.88 -5.52 32.90
C THR A 16 11.47 -6.33 31.74
N LEU A 17 12.29 -5.69 30.91
CA LEU A 17 12.95 -6.35 29.80
C LEU A 17 14.45 -6.20 30.08
N GLN A 18 15.21 -7.28 29.85
CA GLN A 18 16.61 -7.37 30.27
C GLN A 18 17.40 -8.20 29.28
N ARG A 19 18.62 -7.77 29.04
CA ARG A 19 19.68 -8.60 28.49
C ARG A 19 21.02 -8.31 29.21
N GLY A 20 21.40 -9.15 30.16
CA GLY A 20 22.69 -8.97 30.82
C GLY A 20 22.63 -7.71 31.65
N ALA A 21 23.60 -6.81 31.49
CA ALA A 21 23.63 -5.61 32.30
C ALA A 21 22.57 -4.55 31.87
N LEU A 22 21.83 -4.83 30.78
CA LEU A 22 20.86 -3.86 30.25
C LEU A 22 19.53 -4.21 30.82
N ARG A 23 18.91 -3.26 31.54
CA ARG A 23 17.60 -3.40 32.14
C ARG A 23 16.66 -2.30 31.65
N LEU A 24 15.49 -2.65 31.15
CA LEU A 24 14.38 -1.71 30.90
C LEU A 24 13.26 -1.98 31.89
N GLU A 25 13.10 -1.10 32.87
CA GLU A 25 12.21 -1.33 34.00
C GLU A 25 11.11 -0.30 34.03
N PRO A 26 9.90 -0.68 34.47
CA PRO A 26 8.85 0.35 34.54
C PRO A 26 9.35 1.64 35.17
N LEU A 27 9.00 2.78 34.55
CA LEU A 27 9.40 4.10 35.08
C LEU A 27 8.68 4.33 36.40
N VAL A 28 9.38 4.90 37.36
CA VAL A 28 8.74 5.24 38.64
C VAL A 28 9.00 6.68 38.99
N GLU A 29 8.16 7.27 39.84
CA GLU A 29 8.30 8.66 40.31
C GLU A 29 9.69 8.96 40.79
N ALA A 30 10.28 8.04 41.56
CA ALA A 30 11.68 8.20 42.06
C ALA A 30 12.76 8.42 40.97
N ASP A 31 12.51 7.95 39.73
CA ASP A 31 13.44 8.21 38.57
C ASP A 31 13.47 9.61 38.00
N ILE A 32 12.40 10.35 38.20
CA ILE A 32 12.20 11.66 37.57
C ILE A 32 13.26 12.76 37.88
N PRO A 33 13.53 13.02 39.18
CA PRO A 33 14.57 14.07 39.36
C PRO A 33 15.89 13.84 38.56
N GLU A 34 16.43 12.62 38.66
CA GLU A 34 17.66 12.22 37.92
C GLU A 34 17.48 12.32 36.41
N LEU A 35 16.32 11.88 35.88
CA LEU A 35 16.10 12.02 34.42
C LEU A 35 16.12 13.45 33.97
N VAL A 36 15.58 14.35 34.78
CA VAL A 36 15.56 15.81 34.49
C VAL A 36 16.98 16.38 34.60
N SER A 37 17.73 15.94 35.60
CA SER A 37 19.13 16.35 35.69
C SER A 37 19.94 15.77 34.47
N LEU A 38 19.71 14.49 34.16
CA LEU A 38 20.41 13.89 33.00
C LEU A 38 20.07 14.57 31.66
N ALA A 39 18.79 14.88 31.46
CA ALA A 39 18.32 15.65 30.29
C ALA A 39 18.94 17.06 30.14
N GLU A 40 19.07 17.82 31.25
CA GLU A 40 19.80 19.10 31.19
C GLU A 40 21.20 18.97 30.62
N ALA A 41 21.95 17.97 31.04
CA ALA A 41 23.31 17.77 30.51
C ALA A 41 23.33 17.36 29.03
N ASN A 42 22.17 16.99 28.50
CA ASN A 42 21.97 16.51 27.11
C ASN A 42 21.02 17.44 26.37
N ARG A 43 20.87 18.65 26.91
CA ARG A 43 19.91 19.64 26.44
C ARG A 43 19.97 19.74 24.93
N GLU A 44 21.18 19.89 24.37
CA GLU A 44 21.35 20.06 22.91
C GLU A 44 21.05 18.82 22.11
N ALA A 45 21.42 17.66 22.64
CA ALA A 45 21.01 16.39 22.04
C ALA A 45 19.47 16.20 21.95
N LEU A 46 18.76 16.80 22.88
CA LEU A 46 17.30 16.62 23.05
C LEU A 46 16.53 17.70 22.30
N GLN A 47 17.24 18.48 21.49
CA GLN A 47 16.64 19.65 20.83
C GLN A 47 15.44 19.39 19.91
N TYR A 48 15.28 18.16 19.41
CA TYR A 48 14.14 17.86 18.52
C TYR A 48 12.94 17.24 19.24
N MET A 49 13.03 17.16 20.57
CA MET A 49 11.98 16.64 21.42
C MET A 49 11.43 17.77 22.29
N ASP A 50 10.12 17.75 22.55
CA ASP A 50 9.50 18.77 23.38
C ASP A 50 9.02 18.17 24.71
N GLY A 51 9.62 18.60 25.81
CA GLY A 51 9.29 18.07 27.14
C GLY A 51 10.38 17.43 27.99
N PRO A 52 11.28 16.63 27.41
CA PRO A 52 12.09 15.70 28.24
C PRO A 52 12.94 16.39 29.30
N THR A 53 13.14 17.71 29.18
CA THR A 53 13.85 18.50 30.18
C THR A 53 12.97 18.99 31.34
N ARG A 54 11.72 18.52 31.44
CA ARG A 54 10.76 18.97 32.44
C ARG A 54 10.08 17.81 33.13
N PRO A 55 9.82 17.91 34.45
CA PRO A 55 9.16 16.82 35.12
C PRO A 55 7.78 16.47 34.57
N ASP A 56 7.07 17.43 33.99
CA ASP A 56 5.66 17.15 33.56
C ASP A 56 5.58 16.06 32.45
N TRP A 57 6.61 16.02 31.59
CA TRP A 57 6.70 15.03 30.50
C TRP A 57 6.80 13.63 31.12
N TYR A 58 7.53 13.49 32.22
CA TYR A 58 7.59 12.18 32.89
C TYR A 58 6.31 11.83 33.63
N ARG A 59 5.77 12.81 34.33
CA ARG A 59 4.53 12.64 35.10
C ARG A 59 3.35 12.31 34.21
N GLN A 60 3.27 12.98 33.05
CA GLN A 60 2.33 12.59 31.97
C GLN A 60 2.42 11.11 31.63
N SER A 61 3.65 10.58 31.48
CA SER A 61 3.76 9.14 31.08
C SER A 61 3.31 8.23 32.19
N LEU A 62 3.51 8.62 33.45
CA LEU A 62 3.03 7.79 34.59
C LEU A 62 1.50 7.92 34.76
N ALA A 63 0.96 9.11 34.57
CA ALA A 63 -0.51 9.27 34.49
C ALA A 63 -1.10 8.27 33.49
N GLU A 64 -0.58 8.28 32.25
CA GLU A 64 -1.03 7.32 31.20
C GLU A 64 -0.84 5.85 31.60
N GLN A 65 0.24 5.54 32.32
CA GLN A 65 0.52 4.17 32.77
C GLN A 65 -0.58 3.71 33.73
N ARG A 66 -0.95 4.59 34.66
CA ARG A 66 -2.09 4.38 35.58
C ARG A 66 -3.42 4.11 34.84
N GLU A 67 -3.68 4.89 33.79
CA GLU A 67 -4.85 4.77 32.92
C GLU A 67 -4.74 3.60 31.90
N GLY A 68 -3.70 2.75 32.03
CA GLY A 68 -3.45 1.63 31.12
C GLY A 68 -3.16 1.98 29.67
N ARG A 69 -2.71 3.20 29.43
CA ARG A 69 -2.46 3.73 28.08
C ARG A 69 -0.98 3.88 27.64
N ALA A 70 -0.04 3.61 28.53
CA ALA A 70 1.40 3.64 28.18
C ALA A 70 2.16 2.70 29.10
N LEU A 71 3.34 2.25 28.66
CA LEU A 71 4.30 1.51 29.44
C LEU A 71 5.64 2.23 29.34
N PRO A 72 5.84 3.28 30.18
CA PRO A 72 7.13 3.97 30.07
C PRO A 72 8.18 3.18 30.83
N LEU A 73 9.44 3.33 30.43
CA LEU A 73 10.57 2.55 30.92
C LEU A 73 11.74 3.42 31.28
N ALA A 74 12.43 3.04 32.36
CA ALA A 74 13.74 3.58 32.72
C ALA A 74 14.80 2.67 32.07
N VAL A 75 15.76 3.25 31.37
CA VAL A 75 16.83 2.50 30.74
C VAL A 75 18.02 2.49 31.68
N ARG A 76 18.33 1.30 32.24
CA ARG A 76 19.55 1.17 33.05
C ARG A 76 20.58 0.21 32.43
N LEU A 77 21.83 0.71 32.40
CA LEU A 77 23.00 -0.01 31.96
C LEU A 77 23.97 -0.20 33.15
N GLY A 78 24.01 -1.42 33.68
CA GLY A 78 24.66 -1.71 34.94
C GLY A 78 23.93 -0.98 36.05
N VAL A 79 24.64 -0.24 36.89
CA VAL A 79 24.02 0.58 37.94
C VAL A 79 23.38 1.91 37.43
N GLN A 80 23.81 2.36 36.24
CA GLN A 80 23.61 3.71 35.81
C GLN A 80 22.33 3.90 34.94
N LEU A 81 21.48 4.84 35.35
CA LEU A 81 20.36 5.31 34.55
C LEU A 81 20.86 6.12 33.36
N VAL A 82 20.56 5.67 32.14
CA VAL A 82 21.12 6.32 30.92
C VAL A 82 20.03 6.90 29.98
N GLY A 83 18.77 6.84 30.36
CA GLY A 83 17.71 7.37 29.53
C GLY A 83 16.36 6.72 29.75
N THR A 84 15.48 6.88 28.77
CA THR A 84 14.09 6.40 28.89
C THR A 84 13.50 6.06 27.53
N THR A 85 12.42 5.30 27.55
CA THR A 85 11.73 4.94 26.31
C THR A 85 10.35 4.41 26.70
N ARG A 86 9.48 4.19 25.74
CA ARG A 86 8.08 3.96 26.04
C ARG A 86 7.32 3.14 24.98
N PHE A 87 6.40 2.28 25.39
CA PHE A 87 5.30 1.87 24.51
C PHE A 87 4.10 2.75 24.86
N ALA A 88 3.35 3.24 23.84
CA ALA A 88 2.13 3.99 24.08
C ALA A 88 1.27 3.94 22.83
N GLU A 89 0.25 4.79 22.78
CA GLU A 89 -0.75 4.80 21.69
C GLU A 89 -1.20 3.38 21.33
N PHE A 90 -1.65 2.64 22.33
CA PHE A 90 -2.28 1.34 22.10
C PHE A 90 -3.59 1.46 21.33
N LEU A 91 -3.77 0.53 20.38
CA LEU A 91 -4.98 0.29 19.65
C LEU A 91 -5.35 -1.17 20.01
N PRO A 92 -6.08 -1.35 21.13
CA PRO A 92 -6.43 -2.66 21.68
C PRO A 92 -7.10 -3.60 20.68
N ALA A 93 -7.97 -3.09 19.83
CA ALA A 93 -8.71 -3.84 18.82
C ALA A 93 -7.89 -4.50 17.71
N LEU A 94 -6.61 -4.16 17.59
CA LEU A 94 -5.76 -4.72 16.51
C LEU A 94 -4.98 -6.03 16.83
N PRO A 95 -4.07 -6.05 17.84
CA PRO A 95 -3.54 -4.91 18.60
C PRO A 95 -2.33 -4.22 17.93
N ALA A 96 -2.11 -2.95 18.30
CA ALA A 96 -1.02 -2.13 17.77
C ALA A 96 -0.57 -1.17 18.85
N CYS A 97 0.66 -0.66 18.70
CA CYS A 97 1.15 0.39 19.57
C CYS A 97 2.20 1.19 18.82
N GLU A 98 2.67 2.26 19.45
CA GLU A 98 3.84 2.97 19.04
C GLU A 98 4.97 2.71 20.07
N ILE A 99 6.22 2.69 19.59
CA ILE A 99 7.41 2.68 20.46
C ILE A 99 8.14 3.93 20.20
N GLY A 100 8.48 4.68 21.23
CA GLY A 100 9.16 5.98 20.99
C GLY A 100 9.32 6.71 22.29
N TRP A 101 9.32 8.04 22.24
CA TRP A 101 9.68 8.90 23.37
C TRP A 101 11.03 8.44 23.97
N THR A 102 11.99 8.13 23.10
CA THR A 102 13.31 7.59 23.50
C THR A 102 14.29 8.71 23.49
N TRP A 103 15.03 8.85 24.59
CA TRP A 103 16.31 9.58 24.53
C TRP A 103 17.30 8.85 25.40
N LEU A 104 18.58 9.01 25.04
CA LEU A 104 19.70 8.30 25.66
C LEU A 104 20.72 9.37 25.88
N ASP A 105 21.40 9.22 27.00
CA ASP A 105 22.55 10.03 27.28
C ASP A 105 23.51 9.91 26.10
N GLN A 106 24.11 11.02 25.68
CA GLN A 106 24.80 11.06 24.40
C GLN A 106 26.11 10.24 24.36
N ALA A 107 26.62 9.85 25.54
CA ALA A 107 27.71 8.86 25.60
C ALA A 107 27.28 7.49 25.03
N GLN A 108 25.98 7.28 24.84
CA GLN A 108 25.49 5.98 24.38
C GLN A 108 25.19 5.99 22.90
N HIS A 109 25.33 7.13 22.25
CA HIS A 109 24.97 7.22 20.82
C HIS A 109 26.06 6.56 19.97
N GLY A 110 25.64 5.70 19.06
CA GLY A 110 26.62 5.00 18.23
C GLY A 110 27.06 3.71 18.88
N SER A 111 26.67 3.48 20.14
CA SER A 111 27.10 2.28 20.87
C SER A 111 26.36 0.97 20.51
N GLY A 112 25.22 1.01 19.83
CA GLY A 112 24.34 -0.17 19.68
C GLY A 112 23.27 -0.34 20.75
N LEU A 113 23.35 0.47 21.82
CA LEU A 113 22.32 0.49 22.88
C LEU A 113 20.93 0.71 22.28
N ASN A 114 20.78 1.71 21.44
CA ASN A 114 19.45 1.93 20.84
C ASN A 114 18.89 0.70 20.06
N ARG A 115 19.72 0.11 19.21
CA ARG A 115 19.31 -1.06 18.43
C ARG A 115 18.90 -2.17 19.37
N MET A 116 19.68 -2.42 20.43
CA MET A 116 19.35 -3.51 21.37
C MET A 116 18.02 -3.26 22.08
N ILE A 117 17.84 -2.05 22.59
CA ILE A 117 16.59 -1.65 23.22
C ILE A 117 15.40 -1.89 22.28
N LYS A 118 15.50 -1.36 21.08
CA LYS A 118 14.47 -1.55 20.06
C LYS A 118 14.25 -3.04 19.74
N TYR A 119 15.33 -3.82 19.74
CA TYR A 119 15.16 -5.26 19.53
C TYR A 119 14.38 -5.89 20.69
N LEU A 120 14.71 -5.55 21.95
CA LEU A 120 13.98 -6.14 23.06
C LEU A 120 12.52 -5.69 23.02
N MET A 121 12.30 -4.44 22.65
CA MET A 121 10.92 -3.85 22.70
C MET A 121 10.02 -4.44 21.58
N LEU A 122 10.57 -4.57 20.38
CA LEU A 122 9.82 -5.12 19.24
C LEU A 122 9.52 -6.59 19.46
N LYS A 123 10.49 -7.30 20.04
CA LYS A 123 10.37 -8.71 20.30
C LYS A 123 9.25 -8.93 21.28
N HIS A 124 9.18 -8.12 22.33
CA HIS A 124 7.98 -8.08 23.19
C HIS A 124 6.64 -7.71 22.46
N ALA A 125 6.63 -6.63 21.66
CA ALA A 125 5.41 -6.24 20.95
C ALA A 125 4.86 -7.41 20.05
N PHE A 126 5.75 -8.00 19.26
CA PHE A 126 5.37 -8.98 18.28
C PHE A 126 5.30 -10.42 18.83
N ASP A 127 6.33 -10.88 19.57
CA ASP A 127 6.37 -12.27 20.00
C ASP A 127 5.49 -12.55 21.21
N ASN A 128 5.40 -11.60 22.12
CA ASN A 128 4.56 -11.77 23.33
C ASN A 128 3.18 -11.10 23.21
N LEU A 129 3.15 -9.82 22.82
CA LEU A 129 1.90 -9.05 22.79
C LEU A 129 1.04 -9.28 21.54
N ARG A 130 1.66 -9.77 20.46
CA ARG A 130 0.88 -10.21 19.29
C ARG A 130 0.50 -9.03 18.42
N MET A 131 1.24 -7.92 18.59
CA MET A 131 0.95 -6.71 17.84
C MET A 131 0.88 -7.13 16.35
N VAL A 132 -0.02 -6.45 15.63
CA VAL A 132 -0.15 -6.58 14.20
C VAL A 132 0.62 -5.42 13.51
N ARG A 133 0.88 -4.39 14.29
CA ARG A 133 1.56 -3.17 13.81
C ARG A 133 2.37 -2.51 14.93
N VAL A 134 3.58 -2.04 14.61
CA VAL A 134 4.28 -1.15 15.52
C VAL A 134 4.69 0.10 14.80
N GLN A 135 4.28 1.26 15.32
CA GLN A 135 4.63 2.55 14.77
C GLN A 135 5.85 3.14 15.48
N LEU A 136 6.67 3.86 14.75
CA LEU A 136 7.79 4.64 15.27
C LEU A 136 7.65 6.00 14.56
N SER A 137 8.06 7.13 15.19
CA SER A 137 7.84 8.47 14.63
C SER A 137 8.93 9.37 15.05
N THR A 138 9.24 10.39 14.25
CA THR A 138 10.21 11.39 14.69
C THR A 138 10.02 12.66 13.88
N ALA A 139 10.63 13.75 14.34
CA ALA A 139 10.55 15.02 13.66
C ALA A 139 11.23 14.95 12.30
N ALA A 140 10.62 15.57 11.28
CA ALA A 140 11.29 15.75 9.98
C ALA A 140 12.77 16.26 10.08
N SER A 141 13.05 17.11 11.07
CA SER A 141 14.36 17.75 11.29
C SER A 141 15.36 16.83 11.96
N ASN A 142 14.87 15.75 12.55
CA ASN A 142 15.70 14.89 13.39
C ASN A 142 16.41 13.84 12.55
N LEU A 143 17.50 14.23 11.86
CA LEU A 143 18.15 13.32 10.88
C LEU A 143 18.80 12.10 11.52
N ARG A 144 19.34 12.26 12.73
CA ARG A 144 19.88 11.09 13.47
C ARG A 144 18.84 10.00 13.80
N ALA A 145 17.71 10.37 14.39
CA ALA A 145 16.67 9.39 14.71
C ALA A 145 16.13 8.75 13.45
N GLN A 146 16.12 9.50 12.36
CA GLN A 146 15.63 8.99 11.06
C GLN A 146 16.55 7.84 10.59
N GLY A 147 17.85 8.13 10.50
CA GLY A 147 18.86 7.08 10.27
C GLY A 147 18.70 5.88 11.17
N ALA A 148 18.42 6.08 12.44
CA ALA A 148 18.26 4.99 13.35
C ALA A 148 16.98 4.20 13.11
N ILE A 149 15.90 4.88 12.72
CA ILE A 149 14.67 4.19 12.38
C ILE A 149 14.89 3.36 11.09
N ASP A 150 15.53 3.97 10.11
CA ASP A 150 15.89 3.27 8.85
C ASP A 150 16.63 1.94 9.09
N LYS A 151 17.70 2.04 9.88
CA LYS A 151 18.49 0.88 10.27
C LYS A 151 17.67 -0.24 10.88
N LEU A 152 16.60 0.07 11.63
CA LEU A 152 15.64 -0.99 12.10
C LEU A 152 14.87 -1.72 10.99
N GLY A 153 14.80 -1.14 9.80
CA GLY A 153 13.99 -1.72 8.71
C GLY A 153 12.50 -1.34 8.77
N ALA A 154 12.17 -0.28 9.53
CA ALA A 154 10.79 0.24 9.59
C ALA A 154 10.58 0.96 8.28
N GLN A 155 9.38 0.87 7.72
CA GLN A 155 9.09 1.51 6.39
C GLN A 155 8.39 2.83 6.62
N ARG A 156 8.76 3.88 5.89
CA ARG A 156 8.12 5.17 6.05
C ARG A 156 6.66 5.13 5.53
N GLU A 157 5.70 5.64 6.32
CA GLU A 157 4.30 5.59 5.92
C GLU A 157 3.73 6.91 5.57
N GLY A 158 4.32 8.00 6.07
CA GLY A 158 3.73 9.29 5.86
C GLY A 158 4.51 10.44 6.42
N VAL A 159 4.16 11.65 5.98
CA VAL A 159 4.66 12.92 6.55
C VAL A 159 3.49 13.78 7.06
N LEU A 160 3.44 14.01 8.36
CA LEU A 160 2.31 14.67 8.98
C LEU A 160 2.73 16.10 9.18
N ARG A 161 2.03 17.06 8.57
CA ARG A 161 2.38 18.43 8.64
C ARG A 161 1.96 19.10 9.95
N ASN A 162 2.78 20.03 10.44
CA ASN A 162 2.38 20.82 11.62
C ASN A 162 1.93 19.92 12.77
N HIS A 163 2.73 18.90 13.05
CA HIS A 163 2.30 17.77 13.87
C HIS A 163 3.03 17.75 15.21
N ARG A 164 4.10 18.52 15.30
CA ARG A 164 4.90 18.57 16.53
C ARG A 164 5.59 19.91 16.80
N ARG A 165 6.05 20.05 18.04
CA ARG A 165 7.03 21.07 18.41
C ARG A 165 8.37 20.47 18.80
N LEU A 166 9.41 21.23 18.45
CA LEU A 166 10.78 21.00 18.89
C LEU A 166 10.96 21.65 20.25
N ALA A 167 12.09 21.37 20.90
CA ALA A 167 12.38 21.83 22.27
C ALA A 167 12.25 23.34 22.46
N GLY A 168 12.69 24.12 21.48
CA GLY A 168 12.56 25.58 21.60
C GLY A 168 11.18 26.13 21.16
N GLY A 169 10.24 25.21 20.85
CA GLY A 169 8.86 25.59 20.48
C GLY A 169 8.49 25.68 18.98
N ARG A 170 9.51 25.65 18.11
CA ARG A 170 9.29 25.62 16.67
C ARG A 170 8.45 24.40 16.22
N LEU A 171 7.52 24.67 15.31
CA LEU A 171 6.64 23.66 14.71
C LEU A 171 7.39 22.82 13.64
N ASP A 172 7.11 21.53 13.58
CA ASP A 172 7.79 20.69 12.63
C ASP A 172 6.81 19.63 12.19
N ASP A 173 7.14 18.97 11.09
CA ASP A 173 6.37 17.87 10.59
C ASP A 173 6.90 16.61 11.30
N THR A 174 6.09 15.54 11.22
CA THR A 174 6.50 14.24 11.75
C THR A 174 6.62 13.28 10.59
N PHE A 175 7.68 12.46 10.58
CA PHE A 175 7.80 11.27 9.71
C PHE A 175 7.32 10.08 10.49
N VAL A 176 6.34 9.36 9.97
CA VAL A 176 5.74 8.20 10.54
C VAL A 176 6.14 6.92 9.76
N TYR A 177 6.43 5.84 10.50
CA TYR A 177 6.93 4.58 9.94
C TYR A 177 6.21 3.49 10.65
N SER A 178 6.40 2.26 10.15
CA SER A 178 5.86 1.11 10.91
C SER A 178 6.50 -0.21 10.57
N ILE A 179 6.30 -1.20 11.42
CA ILE A 179 6.62 -2.59 11.07
C ILE A 179 5.35 -3.34 11.33
N THR A 180 4.95 -4.16 10.37
CA THR A 180 3.76 -4.97 10.49
C THR A 180 4.18 -6.38 10.94
N ASP A 181 3.21 -7.14 11.47
CA ASP A 181 3.48 -8.49 11.94
C ASP A 181 4.08 -9.40 10.87
N HIS A 182 3.69 -9.20 9.61
CA HIS A 182 4.25 -9.93 8.49
C HIS A 182 5.72 -9.60 8.19
N GLU A 183 6.15 -8.40 8.54
CA GLU A 183 7.50 -7.97 8.25
C GLU A 183 8.43 -8.39 9.37
N TRP A 184 7.88 -8.68 10.54
CA TRP A 184 8.67 -8.86 11.76
C TRP A 184 9.70 -10.03 11.75
N PRO A 185 9.31 -11.26 11.29
CA PRO A 185 10.33 -12.32 11.12
C PRO A 185 11.63 -11.82 10.45
N GLN A 186 11.50 -11.06 9.36
CA GLN A 186 12.70 -10.57 8.68
C GLN A 186 13.40 -9.42 9.41
N VAL A 187 12.61 -8.61 10.11
CA VAL A 187 13.17 -7.58 10.98
C VAL A 187 13.95 -8.20 12.12
N LYS A 188 13.33 -9.09 12.91
CA LYS A 188 13.99 -9.91 13.93
C LYS A 188 15.30 -10.53 13.38
N ALA A 189 15.19 -11.43 12.40
CA ALA A 189 16.38 -11.98 11.70
C ALA A 189 17.47 -10.96 11.41
N ALA A 190 17.13 -9.80 10.86
CA ALA A 190 18.13 -8.82 10.42
C ALA A 190 18.85 -8.19 11.59
N LEU A 191 18.09 -7.91 12.65
CA LEU A 191 18.65 -7.33 13.90
C LEU A 191 19.57 -8.32 14.64
N GLU A 192 19.11 -9.57 14.81
CA GLU A 192 19.87 -10.65 15.49
C GLU A 192 21.20 -10.96 14.83
N ALA A 193 21.28 -10.70 13.53
CA ALA A 193 22.46 -11.04 12.74
C ALA A 193 23.41 -9.87 12.74
N SER A 194 22.90 -8.68 13.14
CA SER A 194 23.75 -7.53 13.45
C SER A 194 24.33 -7.56 14.89
N PHE A 195 24.09 -8.66 15.64
CA PHE A 195 24.67 -8.87 16.99
C PHE A 195 25.65 -10.05 17.01
N PHE B 10 -4.89 24.99 26.79
CA PHE B 10 -5.82 24.24 25.91
C PHE B 10 -6.97 23.57 26.67
N LYS B 11 -8.18 24.11 26.53
CA LYS B 11 -9.37 23.45 27.10
C LYS B 11 -10.51 23.66 26.14
N PRO B 12 -10.66 22.75 25.15
CA PRO B 12 -11.87 22.73 24.33
C PRO B 12 -13.11 22.38 25.19
N LEU B 13 -14.09 23.26 25.12
CA LEU B 13 -15.33 23.11 25.88
C LEU B 13 -16.45 22.57 24.98
N PRO B 14 -17.54 22.04 25.60
CA PRO B 14 -18.60 21.37 24.84
C PRO B 14 -19.63 22.34 24.24
N ILE B 15 -19.33 22.77 23.01
CA ILE B 15 -20.00 23.84 22.28
C ILE B 15 -21.11 23.29 21.38
N THR B 16 -22.09 24.16 21.08
CA THR B 16 -23.06 23.91 20.05
C THR B 16 -22.65 24.74 18.85
N LEU B 17 -22.60 24.09 17.69
CA LEU B 17 -22.37 24.82 16.44
C LEU B 17 -23.69 24.85 15.62
N GLN B 18 -23.93 25.91 14.88
CA GLN B 18 -25.22 26.09 14.23
C GLN B 18 -25.09 26.78 12.90
N ARG B 19 -25.84 26.28 11.94
CA ARG B 19 -26.02 27.00 10.70
C ARG B 19 -27.47 26.76 10.23
N GLY B 20 -28.31 27.80 10.33
CA GLY B 20 -29.76 27.67 10.03
C GLY B 20 -30.45 26.59 10.86
N ALA B 21 -31.08 25.60 10.20
CA ALA B 21 -31.69 24.52 10.97
C ALA B 21 -30.73 23.38 11.33
N LEU B 22 -29.47 23.49 10.93
CA LEU B 22 -28.45 22.49 11.35
C LEU B 22 -27.84 22.80 12.72
N ARG B 23 -27.91 21.87 13.69
CA ARG B 23 -27.10 22.06 14.89
C ARG B 23 -26.22 20.88 15.20
N LEU B 24 -25.02 21.15 15.71
CA LEU B 24 -24.15 20.11 16.28
C LEU B 24 -24.08 20.46 17.74
N GLU B 25 -24.55 19.53 18.57
CA GLU B 25 -24.79 19.78 19.99
C GLU B 25 -24.06 18.69 20.69
N PRO B 26 -23.51 18.97 21.89
CA PRO B 26 -22.78 17.88 22.57
C PRO B 26 -23.63 16.63 22.71
N LEU B 27 -23.09 15.50 22.28
CA LEU B 27 -23.67 14.20 22.57
C LEU B 27 -23.89 13.98 24.08
N VAL B 28 -25.06 13.45 24.42
CA VAL B 28 -25.40 13.00 25.78
C VAL B 28 -25.96 11.57 25.72
N GLU B 29 -25.99 10.94 26.90
CA GLU B 29 -26.33 9.52 27.07
C GLU B 29 -27.71 9.26 26.53
N ALA B 30 -28.56 10.30 26.63
CA ALA B 30 -29.95 10.26 26.22
C ALA B 30 -30.10 10.04 24.74
N ASP B 31 -29.04 10.34 23.99
CA ASP B 31 -29.05 10.32 22.50
C ASP B 31 -28.83 8.92 22.00
N ILE B 32 -28.20 8.09 22.83
CA ILE B 32 -27.56 6.84 22.40
C ILE B 32 -28.51 5.72 21.93
N PRO B 33 -29.61 5.44 22.68
CA PRO B 33 -30.66 4.57 22.14
C PRO B 33 -31.10 4.93 20.72
N GLU B 34 -31.49 6.19 20.53
CA GLU B 34 -31.91 6.67 19.21
C GLU B 34 -30.81 6.57 18.13
N LEU B 35 -29.56 6.92 18.47
CA LEU B 35 -28.41 6.76 17.55
C LEU B 35 -28.16 5.29 17.18
N VAL B 36 -28.21 4.40 18.19
CA VAL B 36 -28.02 2.98 17.95
C VAL B 36 -29.07 2.40 16.96
N SER B 37 -30.35 2.75 17.13
CA SER B 37 -31.38 2.25 16.20
C SER B 37 -31.16 2.82 14.81
N LEU B 38 -30.86 4.12 14.71
CA LEU B 38 -30.62 4.70 13.40
C LEU B 38 -29.42 4.02 12.73
N ALA B 39 -28.35 3.72 13.48
CA ALA B 39 -27.15 3.13 12.86
C ALA B 39 -27.45 1.73 12.36
N GLU B 40 -28.15 0.96 13.20
CA GLU B 40 -28.69 -0.33 12.80
C GLU B 40 -29.48 -0.23 11.48
N ALA B 41 -30.43 0.68 11.37
CA ALA B 41 -31.08 0.93 10.08
C ALA B 41 -30.07 1.15 8.92
N ASN B 42 -28.92 1.75 9.22
CA ASN B 42 -27.91 2.06 8.21
C ASN B 42 -26.74 1.09 8.26
N ARG B 43 -26.97 -0.14 8.68
CA ARG B 43 -25.87 -1.05 9.02
C ARG B 43 -24.86 -1.17 7.88
N GLU B 44 -25.37 -1.32 6.68
CA GLU B 44 -24.47 -1.58 5.58
C GLU B 44 -23.67 -0.35 5.09
N ALA B 45 -24.25 0.85 5.21
CA ALA B 45 -23.50 2.07 4.92
C ALA B 45 -22.30 2.24 5.90
N LEU B 46 -22.44 1.62 7.07
CA LEU B 46 -21.50 1.81 8.19
C LEU B 46 -20.39 0.77 8.25
N GLN B 47 -20.33 -0.08 7.22
CA GLN B 47 -19.55 -1.30 7.24
C GLN B 47 -18.04 -0.97 7.30
N TYR B 48 -17.62 0.24 6.92
CA TYR B 48 -16.20 0.58 6.99
C TYR B 48 -15.77 1.13 8.36
N MET B 49 -16.72 1.18 9.28
CA MET B 49 -16.44 1.70 10.61
C MET B 49 -16.57 0.63 11.68
N ASP B 50 -15.71 0.72 12.68
CA ASP B 50 -15.60 -0.25 13.75
C ASP B 50 -16.44 0.29 14.88
N GLY B 51 -17.65 -0.27 15.06
CA GLY B 51 -18.43 -0.02 16.28
C GLY B 51 -19.64 0.92 16.31
N PRO B 52 -19.92 1.73 15.25
CA PRO B 52 -21.06 2.66 15.42
C PRO B 52 -22.50 2.05 15.57
N THR B 53 -22.65 0.73 15.41
CA THR B 53 -23.97 0.09 15.64
C THR B 53 -24.17 -0.44 17.07
N ARG B 54 -23.19 -0.24 17.96
CA ARG B 54 -23.32 -0.74 19.33
C ARG B 54 -23.21 0.41 20.32
N PRO B 55 -23.99 0.36 21.42
CA PRO B 55 -24.00 1.49 22.36
C PRO B 55 -22.62 1.88 22.94
N ASP B 56 -21.72 0.88 23.05
CA ASP B 56 -20.38 1.06 23.65
C ASP B 56 -19.47 2.06 22.90
N TRP B 57 -19.65 2.14 21.59
CA TRP B 57 -18.92 3.12 20.74
C TRP B 57 -19.22 4.56 21.22
N TYR B 58 -20.52 4.84 21.50
CA TYR B 58 -21.05 6.12 21.99
C TYR B 58 -20.66 6.50 23.42
N ARG B 59 -20.74 5.53 24.35
CA ARG B 59 -20.29 5.71 25.73
C ARG B 59 -18.78 5.86 25.84
N GLN B 60 -18.05 5.17 24.96
CA GLN B 60 -16.58 5.31 24.91
C GLN B 60 -16.20 6.76 24.59
N SER B 61 -16.95 7.39 23.69
CA SER B 61 -16.73 8.79 23.34
C SER B 61 -17.08 9.76 24.46
N LEU B 62 -18.10 9.42 25.24
CA LEU B 62 -18.50 10.24 26.37
C LEU B 62 -17.49 10.06 27.50
N ALA B 63 -17.00 8.84 27.66
CA ALA B 63 -15.95 8.57 28.65
C ALA B 63 -14.67 9.36 28.31
N GLU B 64 -14.27 9.36 27.02
CA GLU B 64 -13.09 10.13 26.52
C GLU B 64 -13.28 11.61 26.78
N GLN B 65 -14.50 12.09 26.55
CA GLN B 65 -14.91 13.44 26.84
C GLN B 65 -14.80 13.81 28.32
N ARG B 66 -15.34 12.95 29.20
CA ARG B 66 -15.12 13.12 30.64
C ARG B 66 -13.63 13.34 30.97
N GLU B 67 -12.74 12.75 30.16
CA GLU B 67 -11.28 12.96 30.28
C GLU B 67 -10.69 14.13 29.50
N GLY B 68 -11.48 14.93 28.81
CA GLY B 68 -10.88 16.00 28.02
C GLY B 68 -10.24 15.48 26.73
N ARG B 69 -10.61 14.27 26.28
CA ARG B 69 -9.96 13.69 25.10
C ARG B 69 -10.82 13.63 23.85
N ALA B 70 -12.12 13.88 24.04
CA ALA B 70 -13.01 14.03 22.89
C ALA B 70 -14.16 15.05 23.08
N LEU B 71 -14.68 15.50 21.94
CA LEU B 71 -15.90 16.35 21.87
C LEU B 71 -16.90 15.74 20.93
N PRO B 72 -17.65 14.70 21.42
CA PRO B 72 -18.61 13.98 20.56
C PRO B 72 -19.86 14.81 20.34
N LEU B 73 -20.43 14.67 19.15
CA LEU B 73 -21.51 15.56 18.71
C LEU B 73 -22.69 14.81 18.08
N ALA B 74 -23.90 15.28 18.38
CA ALA B 74 -25.13 14.78 17.76
C ALA B 74 -25.45 15.77 16.67
N VAL B 75 -25.79 15.27 15.50
CA VAL B 75 -26.11 16.12 14.36
C VAL B 75 -27.61 16.21 14.22
N ARG B 76 -28.17 17.41 14.26
CA ARG B 76 -29.64 17.59 14.15
C ARG B 76 -30.04 18.56 13.05
N LEU B 77 -31.03 18.15 12.27
CA LEU B 77 -31.68 19.03 11.29
C LEU B 77 -33.09 19.36 11.86
N GLY B 78 -33.33 20.65 12.14
CA GLY B 78 -34.33 21.10 13.15
C GLY B 78 -34.33 20.16 14.34
N VAL B 79 -35.30 19.24 14.33
CA VAL B 79 -35.53 18.35 15.43
C VAL B 79 -35.18 16.92 15.06
N GLN B 80 -34.92 16.68 13.77
CA GLN B 80 -34.53 15.37 13.30
C GLN B 80 -33.05 15.00 13.62
N LEU B 81 -32.82 13.86 14.28
CA LEU B 81 -31.49 13.25 14.46
C LEU B 81 -31.07 12.52 13.20
N VAL B 82 -29.87 12.86 12.74
CA VAL B 82 -29.43 12.47 11.40
C VAL B 82 -27.99 11.87 11.43
N GLY B 83 -27.37 11.83 12.60
CA GLY B 83 -26.09 11.15 12.74
C GLY B 83 -25.24 11.82 13.80
N THR B 84 -23.92 11.60 13.69
CA THR B 84 -22.95 11.96 14.72
C THR B 84 -21.58 12.23 14.09
N THR B 85 -20.75 12.96 14.83
CA THR B 85 -19.41 13.34 14.41
C THR B 85 -18.62 13.79 15.65
N ARG B 86 -17.32 14.02 15.55
CA ARG B 86 -16.49 14.15 16.73
C ARG B 86 -15.20 14.95 16.48
N PHE B 87 -14.79 15.79 17.43
CA PHE B 87 -13.39 16.27 17.43
C PHE B 87 -12.73 15.30 18.43
N ALA B 88 -11.52 14.80 18.13
CA ALA B 88 -10.76 13.94 19.06
C ALA B 88 -9.29 13.96 18.72
N GLU B 89 -8.50 13.11 19.37
CA GLU B 89 -7.02 13.10 19.24
C GLU B 89 -6.42 14.49 19.35
N PHE B 90 -6.69 15.15 20.49
CA PHE B 90 -6.14 16.47 20.74
C PHE B 90 -4.66 16.42 20.92
N LEU B 91 -3.95 17.37 20.30
CA LEU B 91 -2.54 17.59 20.58
C LEU B 91 -2.46 18.99 21.18
N PRO B 92 -2.56 19.11 22.53
CA PRO B 92 -2.67 20.39 23.25
C PRO B 92 -1.49 21.32 23.00
N ALA B 93 -0.29 20.76 22.80
CA ALA B 93 0.92 21.62 22.68
C ALA B 93 0.96 22.34 21.37
N LEU B 94 0.07 21.95 20.46
CA LEU B 94 0.11 22.51 19.12
C LEU B 94 -0.66 23.83 18.91
N PRO B 95 -2.02 23.85 19.07
CA PRO B 95 -2.96 22.76 19.34
C PRO B 95 -3.39 22.09 17.99
N ALA B 96 -3.83 20.84 18.01
CA ALA B 96 -4.28 20.17 16.78
C ALA B 96 -5.29 19.17 17.25
N CYS B 97 -6.10 18.66 16.33
CA CYS B 97 -7.01 17.56 16.61
C CYS B 97 -7.34 16.76 15.32
N GLU B 98 -8.12 15.70 15.46
CA GLU B 98 -8.74 15.08 14.33
C GLU B 98 -10.25 15.36 14.35
N ILE B 99 -10.84 15.55 13.17
CA ILE B 99 -12.27 15.60 12.99
C ILE B 99 -12.73 14.31 12.28
N GLY B 100 -13.68 13.58 12.87
CA GLY B 100 -13.94 12.27 12.33
C GLY B 100 -15.04 11.54 13.02
N TRP B 101 -15.06 10.21 12.83
CA TRP B 101 -16.02 9.34 13.52
C TRP B 101 -17.40 9.86 13.15
N THR B 102 -17.50 10.23 11.88
CA THR B 102 -18.69 10.77 11.33
C THR B 102 -19.54 9.70 10.61
N TRP B 103 -20.80 9.63 10.95
CA TRP B 103 -21.75 8.93 10.08
C TRP B 103 -23.05 9.74 10.03
N LEU B 104 -23.63 9.84 8.83
CA LEU B 104 -24.96 10.40 8.65
C LEU B 104 -25.93 9.34 8.16
N ASP B 105 -27.20 9.56 8.44
CA ASP B 105 -28.26 8.75 7.84
C ASP B 105 -28.21 8.81 6.32
N GLN B 106 -28.52 7.68 5.70
CA GLN B 106 -28.36 7.47 4.27
C GLN B 106 -29.19 8.43 3.42
N ALA B 107 -30.37 8.78 3.90
CA ALA B 107 -31.17 9.80 3.20
C ALA B 107 -30.36 11.08 2.97
N GLN B 108 -29.33 11.34 3.78
CA GLN B 108 -28.55 12.58 3.65
C GLN B 108 -27.31 12.39 2.84
N HIS B 109 -27.09 11.20 2.28
CA HIS B 109 -25.89 11.01 1.45
C HIS B 109 -26.04 11.77 0.15
N GLY B 110 -25.09 12.65 -0.13
CA GLY B 110 -25.10 13.45 -1.33
C GLY B 110 -25.89 14.73 -1.23
N SER B 111 -26.28 15.14 -0.01
CA SER B 111 -27.06 16.34 0.15
C SER B 111 -26.21 17.58 0.39
N GLY B 112 -24.88 17.41 0.53
CA GLY B 112 -23.95 18.47 0.94
C GLY B 112 -23.90 18.70 2.47
N LEU B 113 -24.67 17.89 3.22
CA LEU B 113 -24.69 17.97 4.68
C LEU B 113 -23.32 17.60 5.30
N ASN B 114 -22.72 16.48 4.90
CA ASN B 114 -21.33 16.21 5.32
C ASN B 114 -20.43 17.44 5.23
N ARG B 115 -20.37 18.09 4.06
CA ARG B 115 -19.51 19.30 3.85
C ARG B 115 -19.83 20.48 4.77
N MET B 116 -21.12 20.73 5.04
CA MET B 116 -21.51 21.80 5.94
C MET B 116 -21.14 21.47 7.39
N ILE B 117 -21.23 20.20 7.76
CA ILE B 117 -20.78 19.76 9.07
C ILE B 117 -19.28 20.01 9.33
N LYS B 118 -18.43 19.50 8.43
CA LYS B 118 -16.96 19.78 8.48
C LYS B 118 -16.70 21.29 8.35
N TYR B 119 -17.47 22.03 7.55
CA TYR B 119 -17.24 23.46 7.49
C TYR B 119 -17.36 24.13 8.87
N LEU B 120 -18.44 23.78 9.61
CA LEU B 120 -18.71 24.31 10.97
C LEU B 120 -17.66 23.85 11.96
N MET B 121 -17.29 22.57 11.86
CA MET B 121 -16.23 22.05 12.67
C MET B 121 -14.85 22.74 12.37
N LEU B 122 -14.52 22.93 11.09
CA LEU B 122 -13.21 23.50 10.73
C LEU B 122 -13.14 24.94 11.17
N LYS B 123 -14.23 25.69 10.96
CA LYS B 123 -14.32 27.07 11.42
C LYS B 123 -14.09 27.13 12.90
N HIS B 124 -14.66 26.20 13.67
CA HIS B 124 -14.48 26.25 15.11
C HIS B 124 -13.01 25.90 15.52
N ALA B 125 -12.51 24.80 14.95
CA ALA B 125 -11.05 24.39 15.11
C ALA B 125 -10.04 25.49 14.83
N PHE B 126 -10.17 26.12 13.67
CA PHE B 126 -9.15 27.10 13.21
C PHE B 126 -9.44 28.48 13.79
N ASP B 127 -10.69 28.90 13.73
CA ASP B 127 -11.05 30.25 14.13
C ASP B 127 -11.20 30.44 15.64
N ASN B 128 -11.80 29.49 16.34
CA ASN B 128 -11.90 29.59 17.77
C ASN B 128 -10.80 28.88 18.52
N LEU B 129 -10.45 27.66 18.13
CA LEU B 129 -9.50 26.92 18.98
C LEU B 129 -8.07 27.21 18.59
N ARG B 130 -7.90 27.93 17.46
CA ARG B 130 -6.61 28.42 16.99
C ARG B 130 -5.66 27.23 16.69
N MET B 131 -6.21 26.16 16.11
CA MET B 131 -5.39 25.00 15.75
C MET B 131 -4.52 25.30 14.54
N VAL B 132 -3.37 24.64 14.50
CA VAL B 132 -2.45 24.75 13.39
C VAL B 132 -2.58 23.59 12.39
N ARG B 133 -3.36 22.56 12.76
CA ARG B 133 -3.53 21.37 11.95
C ARG B 133 -4.87 20.74 12.31
N VAL B 134 -5.68 20.41 11.32
CA VAL B 134 -6.75 19.46 11.57
C VAL B 134 -6.56 18.22 10.63
N GLN B 135 -6.52 17.05 11.23
CA GLN B 135 -6.35 15.77 10.60
C GLN B 135 -7.74 15.14 10.28
N LEU B 136 -7.81 14.48 9.13
CA LEU B 136 -8.92 13.62 8.75
C LEU B 136 -8.35 12.27 8.29
N SER B 137 -9.07 11.18 8.53
CA SER B 137 -8.61 9.89 8.15
C SER B 137 -9.81 8.93 7.92
N THR B 138 -9.58 7.91 7.09
CA THR B 138 -10.62 6.89 6.77
C THR B 138 -9.99 5.56 6.27
N ALA B 139 -10.76 4.48 6.27
CA ALA B 139 -10.28 3.20 5.72
C ALA B 139 -9.81 3.35 4.29
N ALA B 140 -8.76 2.59 3.98
CA ALA B 140 -8.19 2.42 2.68
C ALA B 140 -9.27 1.89 1.73
N SER B 141 -10.16 1.03 2.22
CA SER B 141 -11.33 0.50 1.47
C SER B 141 -12.45 1.54 1.23
N ASN B 142 -12.45 2.63 2.01
CA ASN B 142 -13.62 3.49 2.08
C ASN B 142 -13.57 4.60 1.04
N LEU B 143 -13.72 4.24 -0.24
CA LEU B 143 -13.58 5.15 -1.36
C LEU B 143 -14.50 6.34 -1.28
N ARG B 144 -15.75 6.17 -0.81
CA ARG B 144 -16.71 7.29 -0.79
C ARG B 144 -16.23 8.38 0.18
N ALA B 145 -15.67 7.97 1.32
CA ALA B 145 -15.20 8.87 2.34
C ALA B 145 -13.97 9.56 1.84
N GLN B 146 -13.14 8.83 1.06
CA GLN B 146 -11.90 9.41 0.49
C GLN B 146 -12.28 10.53 -0.46
N GLY B 147 -13.31 10.28 -1.25
CA GLY B 147 -13.90 11.31 -2.09
C GLY B 147 -14.35 12.54 -1.33
N ALA B 148 -15.09 12.38 -0.26
CA ALA B 148 -15.57 13.56 0.45
C ALA B 148 -14.40 14.33 1.08
N ILE B 149 -13.41 13.58 1.60
CA ILE B 149 -12.22 14.21 2.16
C ILE B 149 -11.46 14.99 1.10
N ASP B 150 -11.21 14.38 -0.06
CA ASP B 150 -10.57 15.05 -1.22
C ASP B 150 -11.28 16.33 -1.61
N LYS B 151 -12.61 16.24 -1.72
CA LYS B 151 -13.49 17.36 -1.97
C LYS B 151 -13.35 18.51 -0.97
N LEU B 152 -13.16 18.21 0.33
CA LEU B 152 -12.95 19.30 1.35
C LEU B 152 -11.69 20.11 1.16
N GLY B 153 -10.72 19.54 0.45
CA GLY B 153 -9.47 20.25 0.24
C GLY B 153 -8.34 19.80 1.15
N ALA B 154 -8.53 18.68 1.85
CA ALA B 154 -7.48 18.09 2.69
C ALA B 154 -6.44 17.31 1.87
N GLN B 155 -5.17 17.44 2.26
CA GLN B 155 -4.09 16.83 1.49
C GLN B 155 -3.73 15.51 2.13
N ARG B 156 -3.58 14.45 1.33
CA ARG B 156 -3.26 13.14 1.85
C ARG B 156 -1.79 13.10 2.31
N GLU B 157 -1.55 12.56 3.52
CA GLU B 157 -0.22 12.62 4.16
C GLU B 157 0.44 11.28 4.27
N GLY B 158 -0.35 10.21 4.38
CA GLY B 158 0.26 8.92 4.48
C GLY B 158 -0.71 7.80 4.45
N VAL B 159 -0.20 6.58 4.42
CA VAL B 159 -1.00 5.40 4.48
C VAL B 159 -0.43 4.56 5.61
N LEU B 160 -1.27 4.27 6.60
CA LEU B 160 -0.85 3.52 7.75
C LEU B 160 -1.38 2.09 7.70
N ARG B 161 -0.50 1.08 7.80
CA ARG B 161 -0.81 -0.30 7.48
C ARG B 161 -1.25 -1.02 8.73
N ASN B 162 -2.22 -1.93 8.60
CA ASN B 162 -2.69 -2.68 9.75
C ASN B 162 -3.06 -1.75 10.89
N HIS B 163 -3.82 -0.70 10.55
CA HIS B 163 -4.05 0.41 11.47
C HIS B 163 -5.53 0.44 12.00
N ARG B 164 -6.41 -0.36 11.38
CA ARG B 164 -7.79 -0.43 11.76
C ARG B 164 -8.46 -1.78 11.42
N ARG B 165 -9.64 -1.95 11.99
CA ARG B 165 -10.57 -3.02 11.65
C ARG B 165 -11.87 -2.36 11.11
N LEU B 166 -12.50 -3.04 10.16
CA LEU B 166 -13.73 -2.57 9.56
C LEU B 166 -14.85 -3.22 10.34
N ALA B 167 -16.10 -2.95 9.94
CA ALA B 167 -17.27 -3.33 10.76
C ALA B 167 -17.28 -4.79 11.15
N GLY B 168 -16.93 -5.68 10.22
CA GLY B 168 -16.95 -7.10 10.54
C GLY B 168 -15.65 -7.64 11.10
N GLY B 169 -14.70 -6.74 11.40
CA GLY B 169 -13.42 -7.09 12.03
C GLY B 169 -12.25 -7.34 11.09
N ARG B 170 -12.38 -7.02 9.81
CA ARG B 170 -11.28 -7.17 8.90
C ARG B 170 -10.27 -6.05 9.12
N LEU B 171 -8.97 -6.41 9.09
CA LEU B 171 -7.88 -5.47 9.16
C LEU B 171 -7.79 -4.70 7.88
N ASP B 172 -7.60 -3.39 8.02
CA ASP B 172 -7.46 -2.53 6.88
C ASP B 172 -6.40 -1.49 7.23
N ASP B 173 -5.88 -0.83 6.20
CA ASP B 173 -5.01 0.31 6.34
C ASP B 173 -5.86 1.60 6.51
N THR B 174 -5.18 2.74 6.72
CA THR B 174 -5.81 4.04 7.00
C THR B 174 -5.15 5.06 6.09
N PHE B 175 -5.93 5.83 5.33
CA PHE B 175 -5.41 7.03 4.66
C PHE B 175 -5.55 8.24 5.62
N VAL B 176 -4.49 9.06 5.70
CA VAL B 176 -4.39 10.16 6.66
C VAL B 176 -4.15 11.45 5.89
N TYR B 177 -4.97 12.44 6.24
CA TYR B 177 -5.02 13.74 5.58
C TYR B 177 -4.84 14.87 6.54
N SER B 178 -4.54 16.06 6.06
CA SER B 178 -4.67 17.18 6.95
C SER B 178 -4.97 18.48 6.21
N ILE B 179 -5.44 19.45 6.99
CA ILE B 179 -5.56 20.84 6.55
C ILE B 179 -4.73 21.64 7.58
N THR B 180 -3.82 22.47 7.12
CA THR B 180 -3.04 23.22 8.07
C THR B 180 -3.69 24.62 8.15
N ASP B 181 -3.31 25.40 9.14
CA ASP B 181 -3.89 26.69 9.35
C ASP B 181 -3.67 27.60 8.15
N HIS B 182 -2.51 27.48 7.50
CA HIS B 182 -2.28 28.18 6.25
C HIS B 182 -3.18 27.80 5.08
N GLU B 183 -3.59 26.53 4.94
CA GLU B 183 -4.53 26.17 3.88
C GLU B 183 -6.00 26.54 4.19
N TRP B 184 -6.32 26.80 5.45
CA TRP B 184 -7.69 27.00 5.89
C TRP B 184 -8.46 28.07 5.14
N PRO B 185 -7.88 29.27 4.98
CA PRO B 185 -8.61 30.27 4.19
C PRO B 185 -9.07 29.89 2.81
N GLN B 186 -8.23 29.24 2.01
CA GLN B 186 -8.62 28.76 0.70
C GLN B 186 -9.68 27.65 0.79
N VAL B 187 -9.48 26.72 1.74
CA VAL B 187 -10.46 25.66 2.00
C VAL B 187 -11.85 26.25 2.37
N LYS B 188 -11.86 27.19 3.32
CA LYS B 188 -13.03 27.91 3.75
C LYS B 188 -13.71 28.54 2.51
N ALA B 189 -12.91 29.23 1.69
CA ALA B 189 -13.41 29.93 0.53
C ALA B 189 -14.09 28.99 -0.39
N ALA B 190 -13.45 27.84 -0.63
CA ALA B 190 -14.03 26.90 -1.55
C ALA B 190 -15.33 26.33 -0.98
N LEU B 191 -15.33 25.91 0.28
CA LEU B 191 -16.54 25.39 0.97
C LEU B 191 -17.70 26.40 0.90
N GLU B 192 -17.50 27.61 1.41
CA GLU B 192 -18.45 28.73 1.26
C GLU B 192 -19.05 28.89 -0.14
N ALA B 193 -18.21 28.86 -1.18
CA ALA B 193 -18.66 28.92 -2.58
C ALA B 193 -19.51 27.73 -3.01
N SER B 194 -19.16 26.53 -2.55
CA SER B 194 -19.96 25.34 -2.86
C SER B 194 -21.36 25.36 -2.24
N PHE B 195 -21.57 26.09 -1.15
CA PHE B 195 -22.89 26.18 -0.47
C PHE B 195 -23.80 27.17 -1.17
N THR B 196 -23.21 28.10 -1.93
CA THR B 196 -23.85 29.39 -2.21
C THR B 196 -23.81 29.91 -3.65
N PRO C 14 -16.00 -18.04 -21.53
CA PRO C 14 -16.37 -17.79 -22.93
C PRO C 14 -17.83 -17.35 -22.92
N ILE C 15 -18.08 -16.07 -23.14
CA ILE C 15 -19.42 -15.53 -22.84
C ILE C 15 -19.80 -14.37 -23.74
N THR C 16 -21.11 -14.17 -23.86
CA THR C 16 -21.66 -12.98 -24.47
C THR C 16 -22.18 -12.14 -23.31
N LEU C 17 -21.87 -10.85 -23.35
CA LEU C 17 -22.42 -9.93 -22.36
C LEU C 17 -23.22 -8.97 -23.20
N GLN C 18 -24.40 -8.63 -22.70
CA GLN C 18 -25.40 -7.91 -23.44
C GLN C 18 -26.20 -7.01 -22.53
N ARG C 19 -26.66 -5.92 -23.11
CA ARG C 19 -27.53 -4.96 -22.44
C ARG C 19 -28.25 -4.19 -23.56
N GLY C 20 -29.45 -4.65 -23.88
CA GLY C 20 -30.24 -3.97 -24.92
C GLY C 20 -29.58 -4.19 -26.26
N ALA C 21 -29.40 -3.14 -27.04
CA ALA C 21 -28.82 -3.32 -28.34
C ALA C 21 -27.29 -3.57 -28.26
N LEU C 22 -26.69 -3.39 -27.07
CA LEU C 22 -25.23 -3.54 -26.90
C LEU C 22 -24.93 -4.99 -26.70
N ARG C 23 -24.11 -5.57 -27.61
CA ARG C 23 -23.64 -6.96 -27.42
C ARG C 23 -22.12 -7.04 -27.44
N LEU C 24 -21.55 -7.72 -26.46
CA LEU C 24 -20.13 -8.12 -26.43
C LEU C 24 -20.07 -9.62 -26.64
N GLU C 25 -19.61 -10.02 -27.81
CA GLU C 25 -19.63 -11.41 -28.22
C GLU C 25 -18.22 -11.86 -28.48
N PRO C 26 -17.92 -13.15 -28.22
CA PRO C 26 -16.59 -13.72 -28.49
C PRO C 26 -16.15 -13.35 -29.88
N LEU C 27 -14.90 -12.87 -30.01
CA LEU C 27 -14.34 -12.51 -31.29
C LEU C 27 -14.19 -13.81 -32.09
N VAL C 28 -14.41 -13.74 -33.40
CA VAL C 28 -14.27 -14.89 -34.27
C VAL C 28 -13.43 -14.46 -35.46
N GLU C 29 -12.84 -15.42 -36.15
CA GLU C 29 -12.06 -15.12 -37.34
C GLU C 29 -12.79 -14.27 -38.36
N ALA C 30 -14.08 -14.54 -38.56
CA ALA C 30 -14.92 -13.76 -39.47
C ALA C 30 -14.94 -12.23 -39.22
N ASP C 31 -14.62 -11.80 -37.98
CA ASP C 31 -14.72 -10.37 -37.58
C ASP C 31 -13.53 -9.58 -38.02
N ILE C 32 -12.43 -10.27 -38.27
CA ILE C 32 -11.13 -9.62 -38.47
C ILE C 32 -11.02 -8.71 -39.65
N PRO C 33 -11.47 -9.16 -40.84
CA PRO C 33 -11.34 -8.18 -41.97
C PRO C 33 -11.98 -6.80 -41.73
N GLU C 34 -13.23 -6.79 -41.29
CA GLU C 34 -13.99 -5.57 -40.97
C GLU C 34 -13.31 -4.74 -39.85
N LEU C 35 -12.79 -5.42 -38.82
CA LEU C 35 -12.08 -4.73 -37.74
C LEU C 35 -10.86 -4.02 -38.25
N VAL C 36 -10.09 -4.69 -39.10
CA VAL C 36 -8.90 -4.08 -39.76
C VAL C 36 -9.31 -2.88 -40.65
N SER C 37 -10.37 -3.05 -41.43
CA SER C 37 -10.94 -1.97 -42.21
C SER C 37 -11.44 -0.80 -41.33
N LEU C 38 -12.15 -1.10 -40.24
CA LEU C 38 -12.56 -0.04 -39.30
C LEU C 38 -11.39 0.61 -38.58
N ALA C 39 -10.42 -0.16 -38.14
CA ALA C 39 -9.19 0.44 -37.59
C ALA C 39 -8.53 1.44 -38.54
N GLU C 40 -8.47 1.16 -39.86
CA GLU C 40 -7.84 2.13 -40.83
C GLU C 40 -8.51 3.48 -40.84
N ALA C 41 -9.83 3.48 -40.69
CA ALA C 41 -10.63 4.70 -40.75
C ALA C 41 -10.48 5.46 -39.44
N ASN C 42 -9.92 4.77 -38.42
CA ASN C 42 -9.68 5.31 -37.06
C ASN C 42 -8.22 5.38 -36.75
N ARG C 43 -7.38 5.27 -37.78
CA ARG C 43 -5.95 5.11 -37.61
C ARG C 43 -5.38 6.12 -36.69
N GLU C 44 -5.84 7.36 -36.80
CA GLU C 44 -5.25 8.39 -35.93
C GLU C 44 -5.66 8.26 -34.47
N ALA C 45 -6.93 7.91 -34.21
CA ALA C 45 -7.38 7.66 -32.85
C ALA C 45 -6.59 6.53 -32.19
N LEU C 46 -5.99 5.69 -33.01
CA LEU C 46 -5.37 4.45 -32.57
C LEU C 46 -3.89 4.60 -32.39
N GLN C 47 -3.40 5.83 -32.56
CA GLN C 47 -1.97 6.11 -32.51
C GLN C 47 -1.24 5.65 -31.25
N TYR C 48 -1.94 5.41 -30.12
CA TYR C 48 -1.28 4.92 -28.85
C TYR C 48 -1.27 3.41 -28.63
N MET C 49 -1.72 2.67 -29.64
CA MET C 49 -1.85 1.20 -29.61
C MET C 49 -0.95 0.64 -30.71
N ASP C 50 -0.29 -0.47 -30.48
CA ASP C 50 0.61 -1.02 -31.47
C ASP C 50 -0.08 -2.26 -31.99
N GLY C 51 -0.51 -2.24 -33.23
CA GLY C 51 -1.11 -3.44 -33.77
C GLY C 51 -2.52 -3.49 -34.31
N PRO C 52 -3.49 -2.74 -33.73
CA PRO C 52 -4.92 -2.91 -34.11
C PRO C 52 -5.30 -2.66 -35.58
N THR C 53 -4.41 -2.05 -36.34
CA THR C 53 -4.57 -1.88 -37.79
C THR C 53 -4.08 -3.10 -38.61
N ARG C 54 -3.84 -4.23 -37.94
CA ARG C 54 -3.17 -5.37 -38.51
C ARG C 54 -3.87 -6.67 -38.08
N PRO C 55 -4.06 -7.65 -39.03
CA PRO C 55 -4.73 -8.92 -38.65
C PRO C 55 -4.06 -9.70 -37.55
N ASP C 56 -2.72 -9.64 -37.48
CA ASP C 56 -2.00 -10.50 -36.50
C ASP C 56 -2.30 -10.16 -35.04
N TRP C 57 -2.53 -8.89 -34.74
CA TRP C 57 -3.01 -8.51 -33.42
C TRP C 57 -4.35 -9.22 -33.13
N TYR C 58 -5.23 -9.38 -34.11
CA TYR C 58 -6.48 -10.11 -33.82
C TYR C 58 -6.23 -11.61 -33.80
N ARG C 59 -5.40 -12.11 -34.71
CA ARG C 59 -5.11 -13.53 -34.74
C ARG C 59 -4.39 -13.93 -33.47
N GLN C 60 -3.48 -13.07 -32.97
CA GLN C 60 -2.85 -13.29 -31.64
C GLN C 60 -3.86 -13.49 -30.53
N SER C 61 -4.93 -12.67 -30.47
CA SER C 61 -5.93 -12.81 -29.37
C SER C 61 -6.70 -14.12 -29.50
N LEU C 62 -7.01 -14.53 -30.73
CA LEU C 62 -7.71 -15.83 -30.95
C LEU C 62 -6.85 -17.05 -30.61
N ALA C 63 -5.58 -17.00 -31.04
CA ALA C 63 -4.55 -17.94 -30.53
C ALA C 63 -4.54 -18.07 -28.99
N GLU C 64 -4.45 -16.94 -28.27
CA GLU C 64 -4.55 -17.00 -26.79
C GLU C 64 -5.90 -17.55 -26.26
N GLN C 65 -7.00 -17.21 -26.94
CA GLN C 65 -8.31 -17.74 -26.57
C GLN C 65 -8.32 -19.27 -26.64
N ARG C 66 -7.69 -19.83 -27.69
CA ARG C 66 -7.62 -21.32 -27.89
C ARG C 66 -6.78 -21.99 -26.80
N GLU C 67 -5.94 -21.18 -26.15
CA GLU C 67 -4.98 -21.59 -25.13
C GLU C 67 -5.51 -21.41 -23.71
N GLY C 68 -6.77 -20.96 -23.54
CA GLY C 68 -7.31 -20.58 -22.24
C GLY C 68 -6.75 -19.30 -21.60
N ARG C 69 -6.05 -18.46 -22.38
CA ARG C 69 -5.37 -17.28 -21.85
C ARG C 69 -5.98 -15.86 -22.10
N ALA C 70 -7.04 -15.78 -22.92
CA ALA C 70 -7.71 -14.49 -23.27
C ALA C 70 -9.16 -14.80 -23.61
N LEU C 71 -10.03 -13.80 -23.42
CA LEU C 71 -11.38 -13.76 -23.95
C LEU C 71 -11.56 -12.45 -24.75
N PRO C 72 -11.22 -12.48 -26.06
CA PRO C 72 -11.43 -11.25 -26.84
C PRO C 72 -12.92 -11.18 -27.28
N LEU C 73 -13.41 -9.95 -27.44
CA LEU C 73 -14.79 -9.69 -27.68
C LEU C 73 -14.96 -8.76 -28.87
N ALA C 74 -16.01 -9.00 -29.64
CA ALA C 74 -16.40 -8.13 -30.72
C ALA C 74 -17.45 -7.23 -30.07
N VAL C 75 -17.37 -5.92 -30.25
CA VAL C 75 -18.39 -5.02 -29.71
C VAL C 75 -19.34 -4.60 -30.79
N ARG C 76 -20.60 -4.93 -30.58
CA ARG C 76 -21.64 -4.59 -31.53
C ARG C 76 -22.70 -3.74 -30.88
N LEU C 77 -23.15 -2.74 -31.61
CA LEU C 77 -24.17 -1.82 -31.18
C LEU C 77 -25.28 -1.83 -32.26
N GLY C 78 -26.38 -2.51 -31.91
CA GLY C 78 -27.45 -2.86 -32.85
C GLY C 78 -26.84 -3.87 -33.80
N VAL C 79 -26.83 -3.53 -35.08
CA VAL C 79 -26.38 -4.45 -36.13
C VAL C 79 -24.86 -4.29 -36.38
N GLN C 80 -24.32 -3.19 -35.88
CA GLN C 80 -23.07 -2.63 -36.32
C GLN C 80 -21.84 -2.93 -35.42
N LEU C 81 -20.77 -3.43 -36.03
CA LEU C 81 -19.53 -3.67 -35.32
C LEU C 81 -18.82 -2.35 -35.12
N VAL C 82 -18.55 -2.07 -33.85
CA VAL C 82 -18.13 -0.74 -33.38
C VAL C 82 -16.71 -0.82 -32.68
N GLY C 83 -16.17 -2.01 -32.53
CA GLY C 83 -14.84 -2.13 -31.91
C GLY C 83 -14.61 -3.42 -31.24
N THR C 84 -13.68 -3.42 -30.30
CA THR C 84 -13.21 -4.63 -29.67
C THR C 84 -12.66 -4.34 -28.28
N THR C 85 -12.63 -5.38 -27.46
CA THR C 85 -12.14 -5.29 -26.09
C THR C 85 -11.83 -6.72 -25.65
N ARG C 86 -11.10 -6.89 -24.54
CA ARG C 86 -10.86 -8.26 -24.02
C ARG C 86 -10.54 -8.39 -22.56
N PHE C 87 -10.75 -9.59 -22.04
CA PHE C 87 -10.15 -10.04 -20.80
C PHE C 87 -8.94 -10.86 -21.18
N ALA C 88 -7.75 -10.53 -20.62
CA ALA C 88 -6.54 -11.34 -20.77
C ALA C 88 -5.70 -11.40 -19.48
N GLU C 89 -4.54 -12.01 -19.59
CA GLU C 89 -3.57 -12.12 -18.49
C GLU C 89 -4.21 -12.63 -17.20
N PHE C 90 -4.90 -13.77 -17.30
CA PHE C 90 -5.46 -14.50 -16.16
C PHE C 90 -4.36 -15.02 -15.23
N LEU C 91 -4.51 -14.71 -13.95
CA LEU C 91 -3.72 -15.31 -12.89
C LEU C 91 -4.69 -16.19 -12.14
N PRO C 92 -4.86 -17.42 -12.62
CA PRO C 92 -5.88 -18.35 -12.11
C PRO C 92 -5.78 -18.70 -10.61
N ALA C 93 -4.59 -18.57 -10.03
CA ALA C 93 -4.36 -18.84 -8.60
C ALA C 93 -4.97 -17.78 -7.73
N LEU C 94 -5.36 -16.65 -8.32
CA LEU C 94 -5.84 -15.55 -7.47
C LEU C 94 -7.35 -15.53 -7.12
N PRO C 95 -8.28 -15.47 -8.12
CA PRO C 95 -8.04 -15.26 -9.55
C PRO C 95 -8.03 -13.75 -9.87
N ALA C 96 -7.41 -13.39 -11.00
CA ALA C 96 -7.23 -11.99 -11.42
C ALA C 96 -7.10 -12.01 -12.95
N CYS C 97 -7.37 -10.85 -13.58
CA CYS C 97 -7.15 -10.70 -14.99
C CYS C 97 -6.91 -9.21 -15.28
N GLU C 98 -6.71 -8.90 -16.54
CA GLU C 98 -6.66 -7.54 -17.03
C GLU C 98 -7.75 -7.40 -18.04
N ILE C 99 -8.42 -6.23 -18.03
CA ILE C 99 -9.38 -5.88 -19.05
C ILE C 99 -8.71 -4.72 -19.80
N GLY C 100 -8.73 -4.78 -21.12
CA GLY C 100 -8.05 -3.77 -21.94
C GLY C 100 -8.03 -4.19 -23.42
N TRP C 101 -6.98 -3.77 -24.13
CA TRP C 101 -6.90 -3.90 -25.58
C TRP C 101 -8.26 -3.49 -26.19
N THR C 102 -8.72 -2.30 -25.77
CA THR C 102 -10.02 -1.76 -26.09
C THR C 102 -9.82 -0.66 -27.12
N TRP C 103 -10.57 -0.72 -28.22
CA TRP C 103 -10.72 0.47 -29.08
C TRP C 103 -12.13 0.48 -29.69
N LEU C 104 -12.60 1.69 -29.97
CA LEU C 104 -13.99 1.95 -30.39
C LEU C 104 -13.89 2.94 -31.52
N ASP C 105 -14.75 2.74 -32.50
CA ASP C 105 -14.87 3.72 -33.57
C ASP C 105 -15.11 5.11 -32.94
N GLN C 106 -14.53 6.13 -33.53
CA GLN C 106 -14.43 7.45 -32.87
C GLN C 106 -15.80 8.14 -32.71
N ALA C 107 -16.75 7.86 -33.58
CA ALA C 107 -18.06 8.38 -33.34
C ALA C 107 -18.64 7.86 -31.99
N GLN C 108 -17.95 6.98 -31.28
CA GLN C 108 -18.56 6.42 -30.06
C GLN C 108 -17.93 7.00 -28.82
N HIS C 109 -16.88 7.80 -29.07
CA HIS C 109 -16.08 8.41 -27.99
C HIS C 109 -16.88 9.53 -27.31
N GLY C 110 -17.07 9.40 -26.01
CA GLY C 110 -17.80 10.39 -25.26
C GLY C 110 -19.23 9.96 -25.06
N SER C 111 -19.62 8.87 -25.71
CA SER C 111 -21.03 8.54 -25.81
C SER C 111 -21.55 7.85 -24.53
N GLY C 112 -20.64 7.42 -23.67
CA GLY C 112 -20.96 6.50 -22.55
C GLY C 112 -20.85 5.01 -22.88
N LEU C 113 -20.58 4.67 -24.16
CA LEU C 113 -20.36 3.26 -24.56
C LEU C 113 -19.22 2.61 -23.77
N ASN C 114 -18.07 3.28 -23.71
CA ASN C 114 -16.93 2.67 -22.99
C ASN C 114 -17.24 2.40 -21.51
N ARG C 115 -17.89 3.37 -20.86
CA ARG C 115 -18.30 3.27 -19.45
C ARG C 115 -19.15 2.03 -19.30
N MET C 116 -20.15 1.87 -20.17
CA MET C 116 -21.08 0.71 -20.09
C MET C 116 -20.42 -0.65 -20.37
N ILE C 117 -19.60 -0.70 -21.39
CA ILE C 117 -18.75 -1.88 -21.64
C ILE C 117 -17.96 -2.27 -20.38
N LYS C 118 -17.27 -1.31 -19.79
CA LYS C 118 -16.44 -1.59 -18.61
C LYS C 118 -17.28 -2.06 -17.41
N TYR C 119 -18.44 -1.44 -17.26
CA TYR C 119 -19.36 -1.83 -16.22
C TYR C 119 -19.76 -3.28 -16.37
N LEU C 120 -20.20 -3.66 -17.57
CA LEU C 120 -20.54 -5.05 -17.88
C LEU C 120 -19.36 -6.05 -17.62
N MET C 121 -18.17 -5.69 -18.08
CA MET C 121 -16.99 -6.60 -18.01
C MET C 121 -16.48 -6.68 -16.60
N LEU C 122 -16.48 -5.56 -15.89
CA LEU C 122 -16.09 -5.56 -14.48
C LEU C 122 -17.13 -6.31 -13.66
N LYS C 123 -18.40 -6.12 -14.00
CA LYS C 123 -19.46 -6.78 -13.25
C LYS C 123 -19.26 -8.28 -13.38
N HIS C 124 -19.07 -8.79 -14.58
CA HIS C 124 -18.74 -10.23 -14.81
C HIS C 124 -17.46 -10.79 -14.11
N ALA C 125 -16.42 -9.95 -14.07
CA ALA C 125 -15.13 -10.24 -13.43
C ALA C 125 -15.31 -10.42 -11.93
N PHE C 126 -15.92 -9.45 -11.26
CA PHE C 126 -16.09 -9.56 -9.83
C PHE C 126 -17.32 -10.38 -9.37
N ASP C 127 -18.51 -10.11 -9.94
CA ASP C 127 -19.75 -10.77 -9.49
C ASP C 127 -19.84 -12.21 -9.96
N ASN C 128 -19.46 -12.56 -11.19
CA ASN C 128 -19.46 -13.98 -11.59
C ASN C 128 -18.14 -14.81 -11.41
N LEU C 129 -17.01 -14.29 -11.89
CA LEU C 129 -15.72 -15.00 -11.83
C LEU C 129 -14.99 -14.78 -10.47
N ARG C 130 -15.46 -13.83 -9.68
CA ARG C 130 -14.95 -13.54 -8.34
C ARG C 130 -13.48 -13.16 -8.29
N MET C 131 -13.02 -12.42 -9.31
CA MET C 131 -11.65 -11.89 -9.37
C MET C 131 -11.37 -11.21 -8.05
N VAL C 132 -10.11 -11.25 -7.56
CA VAL C 132 -9.71 -10.45 -6.41
C VAL C 132 -9.07 -9.15 -6.88
N ARG C 133 -8.66 -9.10 -8.15
CA ARG C 133 -8.02 -7.91 -8.75
C ARG C 133 -8.35 -7.85 -10.24
N VAL C 134 -8.63 -6.65 -10.75
CA VAL C 134 -8.74 -6.47 -12.18
C VAL C 134 -7.84 -5.33 -12.50
N GLN C 135 -6.90 -5.55 -13.41
CA GLN C 135 -5.93 -4.57 -13.83
C GLN C 135 -6.42 -3.87 -15.12
N LEU C 136 -6.05 -2.61 -15.25
CA LEU C 136 -6.25 -1.83 -16.46
C LEU C 136 -4.96 -1.13 -16.66
N SER C 137 -4.56 -0.91 -17.92
CA SER C 137 -3.33 -0.18 -18.14
C SER C 137 -3.39 0.55 -19.49
N THR C 138 -2.56 1.56 -19.67
CA THR C 138 -2.57 2.29 -20.94
C THR C 138 -1.20 2.98 -21.10
N ALA C 139 -0.91 3.49 -22.32
CA ALA C 139 0.25 4.37 -22.58
C ALA C 139 0.26 5.63 -21.72
N ALA C 140 1.42 5.96 -21.14
CA ALA C 140 1.64 7.24 -20.47
C ALA C 140 1.20 8.47 -21.29
N SER C 141 1.19 8.34 -22.63
CA SER C 141 0.93 9.41 -23.59
C SER C 141 -0.55 9.45 -23.90
N ASN C 142 -1.29 8.37 -23.55
CA ASN C 142 -2.70 8.24 -23.88
C ASN C 142 -3.58 8.89 -22.82
N LEU C 143 -3.70 10.22 -22.93
CA LEU C 143 -4.39 11.05 -21.92
C LEU C 143 -5.87 10.80 -21.91
N ARG C 144 -6.47 10.55 -23.09
CA ARG C 144 -7.92 10.22 -23.18
C ARG C 144 -8.24 8.92 -22.45
N ALA C 145 -7.40 7.89 -22.68
CA ALA C 145 -7.61 6.58 -22.08
C ALA C 145 -7.40 6.67 -20.57
N GLN C 146 -6.50 7.53 -20.15
CA GLN C 146 -6.26 7.76 -18.70
C GLN C 146 -7.44 8.44 -18.01
N GLY C 147 -8.02 9.46 -18.63
CA GLY C 147 -9.28 10.04 -18.13
C GLY C 147 -10.40 9.01 -18.09
N ALA C 148 -10.53 8.21 -19.12
CA ALA C 148 -11.49 7.12 -19.05
C ALA C 148 -11.22 6.17 -17.86
N ILE C 149 -9.97 5.71 -17.68
CA ILE C 149 -9.69 4.82 -16.54
C ILE C 149 -10.00 5.50 -15.14
N ASP C 150 -9.55 6.73 -14.97
CA ASP C 150 -9.80 7.47 -13.69
C ASP C 150 -11.31 7.46 -13.37
N LYS C 151 -12.11 7.73 -14.43
CA LYS C 151 -13.55 7.78 -14.30
C LYS C 151 -14.14 6.49 -13.79
N LEU C 152 -13.49 5.36 -14.14
CA LEU C 152 -13.96 4.04 -13.65
C LEU C 152 -13.74 3.90 -12.16
N GLY C 153 -12.86 4.73 -11.61
CA GLY C 153 -12.50 4.59 -10.21
C GLY C 153 -11.33 3.63 -9.97
N ALA C 154 -10.57 3.27 -11.01
CA ALA C 154 -9.40 2.37 -10.87
C ALA C 154 -8.30 3.18 -10.22
N GLN C 155 -7.54 2.55 -9.32
CA GLN C 155 -6.40 3.17 -8.56
C GLN C 155 -5.16 2.98 -9.39
N ARG C 156 -4.39 4.02 -9.62
CA ARG C 156 -3.09 3.84 -10.21
C ARG C 156 -2.08 3.13 -9.28
N GLU C 157 -1.23 2.27 -9.86
CA GLU C 157 -0.33 1.43 -9.06
C GLU C 157 1.10 1.62 -9.48
N GLY C 158 1.33 1.96 -10.73
CA GLY C 158 2.68 2.32 -11.12
C GLY C 158 2.88 2.76 -12.55
N VAL C 159 4.15 3.01 -12.89
CA VAL C 159 4.62 3.53 -14.18
C VAL C 159 5.71 2.54 -14.60
N LEU C 160 5.39 1.69 -15.57
CA LEU C 160 6.36 0.75 -16.13
C LEU C 160 7.13 1.40 -17.27
N ARG C 161 8.46 1.48 -17.12
CA ARG C 161 9.27 2.19 -18.09
C ARG C 161 9.56 1.28 -19.31
N ASN C 162 9.59 1.85 -20.52
CA ASN C 162 9.89 1.11 -21.79
C ASN C 162 9.11 -0.17 -21.85
N HIS C 163 7.81 -0.04 -21.60
CA HIS C 163 6.96 -1.20 -21.46
C HIS C 163 6.12 -1.40 -22.72
N ARG C 164 6.11 -0.41 -23.62
CA ARG C 164 5.26 -0.47 -24.78
C ARG C 164 5.76 0.28 -26.02
N ARG C 165 5.18 -0.07 -27.17
CA ARG C 165 5.36 0.73 -28.40
C ARG C 165 4.05 1.35 -28.82
N LEU C 166 4.18 2.58 -29.33
CA LEU C 166 3.02 3.26 -29.92
C LEU C 166 2.85 2.79 -31.36
N ALA C 167 1.77 3.20 -32.03
CA ALA C 167 1.48 2.78 -33.42
C ALA C 167 2.66 3.00 -34.37
N GLY C 168 3.36 4.10 -34.20
CA GLY C 168 4.49 4.39 -35.07
C GLY C 168 5.81 3.75 -34.63
N GLY C 169 5.77 2.98 -33.54
CA GLY C 169 6.92 2.15 -33.11
C GLY C 169 7.69 2.81 -31.99
N ARG C 170 7.30 4.03 -31.68
CA ARG C 170 7.94 4.75 -30.57
C ARG C 170 7.70 4.04 -29.21
N LEU C 171 8.75 3.89 -28.42
CA LEU C 171 8.68 3.37 -27.05
C LEU C 171 7.90 4.30 -26.12
N ASP C 172 7.12 3.72 -25.21
CA ASP C 172 6.45 4.54 -24.20
C ASP C 172 6.45 3.76 -22.87
N ASP C 173 6.22 4.49 -21.77
CA ASP C 173 5.90 3.89 -20.48
C ASP C 173 4.45 3.44 -20.42
N THR C 174 4.13 2.59 -19.45
CA THR C 174 2.75 2.12 -19.26
C THR C 174 2.31 2.60 -17.89
N PHE C 175 1.11 3.19 -17.79
CA PHE C 175 0.44 3.45 -16.50
C PHE C 175 -0.44 2.26 -16.18
N VAL C 176 -0.23 1.67 -15.01
CA VAL C 176 -0.91 0.47 -14.55
C VAL C 176 -1.86 0.84 -13.41
N TYR C 177 -3.09 0.29 -13.48
CA TYR C 177 -4.11 0.57 -12.45
C TYR C 177 -4.75 -0.70 -12.02
N SER C 178 -5.53 -0.65 -10.94
CA SER C 178 -6.41 -1.79 -10.68
C SER C 178 -7.61 -1.40 -9.85
N ILE C 179 -8.51 -2.35 -9.79
CA ILE C 179 -9.59 -2.30 -8.83
C ILE C 179 -9.50 -3.63 -8.14
N THR C 180 -9.51 -3.60 -6.80
CA THR C 180 -9.59 -4.82 -6.00
C THR C 180 -11.03 -5.25 -5.63
N ASP C 181 -11.17 -6.51 -5.21
CA ASP C 181 -12.47 -7.01 -4.91
C ASP C 181 -13.13 -6.26 -3.76
N HIS C 182 -12.32 -5.71 -2.85
CA HIS C 182 -12.83 -4.92 -1.76
C HIS C 182 -13.36 -3.60 -2.19
N GLU C 183 -12.84 -3.07 -3.30
CA GLU C 183 -13.20 -1.72 -3.81
C GLU C 183 -14.40 -1.78 -4.75
N TRP C 184 -14.64 -2.94 -5.33
CA TRP C 184 -15.66 -3.09 -6.40
C TRP C 184 -17.10 -2.70 -5.99
N PRO C 185 -17.59 -3.13 -4.79
CA PRO C 185 -18.93 -2.65 -4.39
C PRO C 185 -19.11 -1.15 -4.56
N GLN C 186 -18.10 -0.36 -4.21
CA GLN C 186 -18.16 1.08 -4.37
C GLN C 186 -17.99 1.57 -5.80
N VAL C 187 -17.15 0.87 -6.56
CA VAL C 187 -16.92 1.23 -7.94
C VAL C 187 -18.25 0.98 -8.66
N LYS C 188 -18.81 -0.20 -8.46
CA LYS C 188 -20.08 -0.58 -9.01
C LYS C 188 -21.17 0.44 -8.72
N ALA C 189 -21.51 0.63 -7.43
CA ALA C 189 -22.47 1.67 -7.03
C ALA C 189 -22.22 3.01 -7.74
N ALA C 190 -20.97 3.41 -7.91
CA ALA C 190 -20.68 4.66 -8.52
C ALA C 190 -20.95 4.62 -10.04
N LEU C 191 -20.67 3.48 -10.66
CA LEU C 191 -20.99 3.31 -12.08
C LEU C 191 -22.51 3.25 -12.36
N GLU C 192 -23.26 2.45 -11.58
CA GLU C 192 -24.73 2.32 -11.72
C GLU C 192 -25.47 3.67 -11.54
N ALA C 193 -25.00 4.45 -10.57
CA ALA C 193 -25.50 5.78 -10.29
C ALA C 193 -25.13 6.79 -11.39
N SER C 194 -24.16 6.48 -12.25
CA SER C 194 -23.90 7.33 -13.43
C SER C 194 -24.86 7.05 -14.58
N PHE C 195 -25.80 6.11 -14.39
CA PHE C 195 -26.70 5.70 -15.47
C PHE C 195 -28.18 5.93 -15.11
N PHE D 10 12.45 -11.73 -32.91
CA PHE D 10 12.68 -12.13 -31.48
C PHE D 10 12.59 -13.64 -31.19
N LYS D 11 13.74 -14.28 -30.95
CA LYS D 11 13.74 -15.68 -30.55
C LYS D 11 14.84 -16.07 -29.54
N PRO D 12 14.52 -16.00 -28.24
CA PRO D 12 15.43 -16.44 -27.17
C PRO D 12 15.59 -17.98 -27.20
N LEU D 13 16.84 -18.44 -27.30
CA LEU D 13 17.13 -19.86 -27.43
C LEU D 13 17.65 -20.38 -26.09
N PRO D 14 17.64 -21.69 -25.85
CA PRO D 14 18.10 -22.21 -24.55
C PRO D 14 19.64 -22.17 -24.40
N ILE D 15 20.15 -21.06 -23.90
CA ILE D 15 21.57 -20.75 -23.79
C ILE D 15 22.16 -21.25 -22.45
N THR D 16 23.47 -21.55 -22.38
CA THR D 16 24.11 -21.65 -21.08
C THR D 16 25.02 -20.48 -20.80
N LEU D 17 24.86 -19.93 -19.60
CA LEU D 17 25.69 -18.81 -19.15
C LEU D 17 26.65 -19.41 -18.10
N GLN D 18 27.85 -18.85 -18.07
CA GLN D 18 28.96 -19.33 -17.25
C GLN D 18 29.85 -18.19 -16.80
N ARG D 19 30.27 -18.17 -15.53
CA ARG D 19 31.45 -17.42 -15.10
C ARG D 19 32.22 -18.26 -14.10
N GLY D 20 33.49 -18.56 -14.37
CA GLY D 20 34.28 -19.50 -13.50
C GLY D 20 33.62 -20.90 -13.37
N ALA D 21 33.46 -21.38 -12.13
CA ALA D 21 32.65 -22.59 -11.89
C ALA D 21 31.10 -22.41 -11.81
N LEU D 22 30.62 -21.17 -11.91
CA LEU D 22 29.15 -20.96 -11.98
C LEU D 22 28.56 -21.27 -13.37
N ARG D 23 27.64 -22.22 -13.47
CA ARG D 23 26.92 -22.39 -14.72
C ARG D 23 25.39 -22.25 -14.62
N LEU D 24 24.82 -21.53 -15.57
CA LEU D 24 23.35 -21.51 -15.76
C LEU D 24 23.00 -22.27 -17.05
N GLU D 25 22.30 -23.36 -16.87
CA GLU D 25 22.14 -24.37 -17.90
C GLU D 25 20.65 -24.63 -18.01
N PRO D 26 20.12 -24.73 -19.24
CA PRO D 26 18.70 -24.91 -19.44
C PRO D 26 18.22 -26.01 -18.56
N LEU D 27 17.13 -25.76 -17.84
CA LEU D 27 16.57 -26.77 -16.99
C LEU D 27 15.94 -27.92 -17.77
N VAL D 28 16.17 -29.14 -17.29
CA VAL D 28 15.55 -30.34 -17.86
C VAL D 28 14.76 -31.08 -16.79
N GLU D 29 13.83 -31.93 -17.25
CA GLU D 29 13.02 -32.86 -16.42
C GLU D 29 13.90 -33.67 -15.45
N ALA D 30 15.03 -34.17 -15.98
CA ALA D 30 15.96 -34.98 -15.19
C ALA D 30 16.37 -34.31 -13.87
N ASP D 31 16.47 -32.95 -13.89
CA ASP D 31 16.83 -32.10 -12.73
C ASP D 31 15.72 -32.09 -11.68
N ILE D 32 14.49 -32.37 -12.09
CA ILE D 32 13.32 -32.02 -11.27
C ILE D 32 13.18 -32.68 -9.88
N PRO D 33 13.41 -34.00 -9.75
CA PRO D 33 13.35 -34.57 -8.38
C PRO D 33 14.42 -34.05 -7.39
N GLU D 34 15.64 -33.86 -7.88
CA GLU D 34 16.66 -33.20 -7.07
C GLU D 34 16.30 -31.77 -6.60
N LEU D 35 15.78 -30.95 -7.51
CA LEU D 35 15.32 -29.60 -7.14
C LEU D 35 14.23 -29.61 -6.14
N VAL D 36 13.23 -30.49 -6.33
CA VAL D 36 12.13 -30.61 -5.35
C VAL D 36 12.68 -30.97 -3.97
N SER D 37 13.52 -32.02 -3.91
CA SER D 37 14.20 -32.39 -2.65
C SER D 37 14.95 -31.20 -2.04
N LEU D 38 15.84 -30.56 -2.81
CA LEU D 38 16.54 -29.37 -2.24
C LEU D 38 15.56 -28.28 -1.73
N ALA D 39 14.51 -28.03 -2.51
CA ALA D 39 13.49 -27.05 -2.14
C ALA D 39 12.75 -27.41 -0.85
N GLU D 40 12.31 -28.67 -0.74
CA GLU D 40 11.77 -29.21 0.52
C GLU D 40 12.75 -28.95 1.68
N ALA D 41 14.02 -29.35 1.54
CA ALA D 41 15.04 -29.02 2.57
C ALA D 41 15.15 -27.50 2.93
N ASN D 42 14.81 -26.64 1.98
CA ASN D 42 14.71 -25.20 2.25
C ASN D 42 13.25 -24.66 2.42
N ARG D 43 12.31 -25.47 2.96
CA ARG D 43 10.90 -25.06 2.85
C ARG D 43 10.69 -23.65 3.42
N GLU D 44 11.27 -23.39 4.57
CA GLU D 44 10.92 -22.13 5.23
C GLU D 44 11.44 -20.85 4.53
N ALA D 45 12.62 -20.93 3.91
CA ALA D 45 13.16 -19.78 3.16
C ALA D 45 12.33 -19.44 1.89
N LEU D 46 11.64 -20.44 1.36
CA LEU D 46 10.87 -20.34 0.12
C LEU D 46 9.42 -19.92 0.36
N GLN D 47 9.14 -19.50 1.60
CA GLN D 47 7.78 -19.30 2.05
C GLN D 47 7.07 -18.13 1.31
N TYR D 48 7.82 -17.21 0.69
CA TYR D 48 7.22 -16.10 -0.08
C TYR D 48 6.97 -16.39 -1.57
N MET D 49 7.25 -17.62 -1.98
CA MET D 49 7.06 -18.03 -3.36
C MET D 49 5.96 -19.07 -3.42
N ASP D 50 5.26 -19.09 -4.54
CA ASP D 50 4.10 -19.94 -4.69
C ASP D 50 4.48 -21.12 -5.55
N GLY D 51 4.84 -22.23 -4.90
CA GLY D 51 4.96 -23.51 -5.60
C GLY D 51 6.34 -24.13 -5.83
N PRO D 52 7.42 -23.50 -5.35
CA PRO D 52 8.77 -24.09 -5.63
C PRO D 52 9.05 -25.46 -4.98
N THR D 53 8.22 -25.87 -4.01
CA THR D 53 8.48 -27.13 -3.29
C THR D 53 7.73 -28.33 -3.89
N ARG D 54 7.00 -28.11 -4.99
CA ARG D 54 6.18 -29.14 -5.68
C ARG D 54 6.69 -29.33 -7.10
N PRO D 55 6.66 -30.57 -7.63
CA PRO D 55 7.18 -30.76 -8.99
C PRO D 55 6.36 -30.04 -10.07
N ASP D 56 5.12 -29.67 -9.75
CA ASP D 56 4.21 -28.99 -10.71
C ASP D 56 4.80 -27.66 -11.24
N TRP D 57 5.49 -26.96 -10.35
CA TRP D 57 6.13 -25.69 -10.64
C TRP D 57 7.16 -25.78 -11.75
N TYR D 58 8.06 -26.75 -11.63
CA TYR D 58 9.18 -26.94 -12.56
C TYR D 58 8.70 -27.34 -13.98
N ARG D 59 7.79 -28.29 -14.06
CA ARG D 59 7.32 -28.80 -15.36
C ARG D 59 6.38 -27.83 -16.04
N GLN D 60 5.70 -27.01 -15.22
CA GLN D 60 5.02 -25.80 -15.71
C GLN D 60 6.00 -24.88 -16.44
N SER D 61 7.20 -24.68 -15.89
CA SER D 61 8.18 -23.81 -16.56
C SER D 61 8.68 -24.44 -17.86
N LEU D 62 8.75 -25.78 -17.91
CA LEU D 62 9.20 -26.49 -19.12
C LEU D 62 8.14 -26.41 -20.19
N ALA D 63 6.88 -26.48 -19.78
CA ALA D 63 5.78 -26.35 -20.71
C ALA D 63 5.82 -24.95 -21.32
N GLU D 64 5.97 -23.93 -20.45
CA GLU D 64 6.16 -22.52 -20.87
C GLU D 64 7.32 -22.40 -21.83
N GLN D 65 8.41 -23.08 -21.53
CA GLN D 65 9.54 -23.15 -22.47
C GLN D 65 9.18 -23.80 -23.79
N ARG D 66 8.46 -24.92 -23.72
CA ARG D 66 7.99 -25.57 -24.95
C ARG D 66 7.26 -24.58 -25.86
N GLU D 67 6.61 -23.61 -25.22
CA GLU D 67 5.78 -22.60 -25.88
C GLU D 67 6.49 -21.28 -26.21
N GLY D 68 7.80 -21.19 -25.97
CA GLY D 68 8.56 -19.95 -26.18
C GLY D 68 8.29 -18.84 -25.16
N ARG D 69 7.76 -19.20 -23.99
CA ARG D 69 7.37 -18.19 -22.99
C ARG D 69 8.26 -18.07 -21.76
N ALA D 70 9.15 -19.04 -21.54
CA ALA D 70 10.14 -19.01 -20.45
C ALA D 70 11.48 -19.66 -20.85
N LEU D 71 12.51 -19.38 -20.05
CA LEU D 71 13.86 -19.98 -20.20
C LEU D 71 14.29 -20.27 -18.81
N PRO D 72 13.83 -21.41 -18.27
CA PRO D 72 14.14 -21.83 -16.89
C PRO D 72 15.52 -22.44 -16.83
N LEU D 73 16.26 -22.07 -15.78
CA LEU D 73 17.71 -22.38 -15.65
C LEU D 73 17.96 -23.16 -14.37
N ALA D 74 18.85 -24.16 -14.43
CA ALA D 74 19.40 -24.80 -13.23
C ALA D 74 20.68 -24.08 -12.86
N VAL D 75 20.85 -23.75 -11.57
CA VAL D 75 22.09 -23.11 -11.13
C VAL D 75 23.05 -24.18 -10.55
N ARG D 76 24.28 -24.22 -11.03
CA ARG D 76 25.29 -25.24 -10.58
C ARG D 76 26.57 -24.52 -10.28
N LEU D 77 27.14 -24.84 -9.12
CA LEU D 77 28.52 -24.47 -8.78
C LEU D 77 29.33 -25.77 -8.89
N GLY D 78 30.32 -25.76 -9.77
CA GLY D 78 30.81 -26.97 -10.44
C GLY D 78 29.73 -28.00 -10.73
N VAL D 79 29.67 -29.01 -9.87
CA VAL D 79 28.78 -30.15 -10.01
C VAL D 79 27.59 -30.05 -9.02
N GLN D 80 27.69 -29.20 -8.00
CA GLN D 80 26.63 -29.03 -6.98
C GLN D 80 25.33 -28.28 -7.47
N LEU D 81 24.14 -28.87 -7.31
CA LEU D 81 22.88 -28.14 -7.60
C LEU D 81 22.65 -27.21 -6.46
N VAL D 82 22.38 -25.96 -6.79
CA VAL D 82 22.29 -24.93 -5.81
C VAL D 82 20.99 -24.13 -5.97
N GLY D 83 20.29 -24.32 -7.08
CA GLY D 83 18.97 -23.72 -7.24
C GLY D 83 18.47 -23.57 -8.67
N THR D 84 17.60 -22.58 -8.90
CA THR D 84 16.98 -22.32 -10.18
C THR D 84 16.62 -20.86 -10.31
N THR D 85 16.46 -20.42 -11.55
CA THR D 85 16.11 -19.06 -11.88
C THR D 85 15.55 -19.16 -13.30
N ARG D 86 15.04 -18.03 -13.84
CA ARG D 86 14.27 -18.07 -15.08
C ARG D 86 14.20 -16.69 -15.74
N PHE D 87 14.28 -16.66 -17.06
CA PHE D 87 13.75 -15.52 -17.82
C PHE D 87 12.33 -15.92 -18.21
N ALA D 88 11.37 -15.01 -18.06
CA ALA D 88 9.98 -15.21 -18.53
C ALA D 88 9.30 -13.88 -18.85
N GLU D 89 7.97 -13.91 -19.03
CA GLU D 89 7.17 -12.72 -19.36
C GLU D 89 7.78 -11.96 -20.51
N PHE D 90 7.95 -12.64 -21.66
CA PHE D 90 8.52 -11.95 -22.81
C PHE D 90 7.52 -11.05 -23.46
N LEU D 91 8.02 -9.87 -23.87
CA LEU D 91 7.33 -8.87 -24.69
C LEU D 91 8.16 -8.75 -25.96
N PRO D 92 7.88 -9.60 -27.02
CA PRO D 92 8.67 -9.67 -28.29
C PRO D 92 8.84 -8.33 -29.00
N ALA D 93 7.80 -7.48 -29.01
CA ALA D 93 7.78 -6.18 -29.78
C ALA D 93 8.77 -5.14 -29.29
N LEU D 94 9.25 -5.32 -28.06
CA LEU D 94 10.05 -4.32 -27.42
C LEU D 94 11.54 -4.39 -27.75
N PRO D 95 12.28 -5.50 -27.39
CA PRO D 95 11.91 -6.73 -26.61
C PRO D 95 12.19 -6.46 -25.12
N ALA D 96 11.52 -7.18 -24.20
CA ALA D 96 11.67 -6.97 -22.71
C ALA D 96 11.36 -8.30 -22.14
N CYS D 97 11.76 -8.53 -20.89
CA CYS D 97 11.35 -9.77 -20.16
C CYS D 97 11.43 -9.51 -18.67
N GLU D 98 11.08 -10.51 -17.84
CA GLU D 98 11.31 -10.49 -16.41
C GLU D 98 12.41 -11.53 -16.12
N ILE D 99 13.32 -11.25 -15.20
CA ILE D 99 14.12 -12.30 -14.57
C ILE D 99 13.63 -12.51 -13.16
N GLY D 100 13.45 -13.76 -12.76
CA GLY D 100 12.84 -13.99 -11.51
C GLY D 100 12.71 -15.46 -11.25
N TRP D 101 11.77 -15.82 -10.38
CA TRP D 101 11.46 -17.25 -10.03
C TRP D 101 12.77 -17.90 -9.62
N THR D 102 13.51 -17.11 -8.85
CA THR D 102 14.82 -17.46 -8.40
C THR D 102 14.78 -17.87 -6.92
N TRP D 103 15.27 -19.07 -6.62
CA TRP D 103 15.60 -19.42 -5.25
C TRP D 103 16.99 -20.08 -5.22
N LEU D 104 17.67 -19.99 -4.08
CA LEU D 104 18.94 -20.68 -3.89
C LEU D 104 18.91 -21.42 -2.56
N ASP D 105 19.69 -22.51 -2.51
CA ASP D 105 19.97 -23.19 -1.26
C ASP D 105 20.49 -22.18 -0.25
N GLN D 106 20.00 -22.30 0.97
CA GLN D 106 20.31 -21.39 2.10
C GLN D 106 21.81 -21.19 2.34
N ALA D 107 22.61 -22.21 2.13
CA ALA D 107 24.07 -22.09 2.29
C ALA D 107 24.68 -20.92 1.47
N GLN D 108 23.99 -20.54 0.38
CA GLN D 108 24.52 -19.56 -0.53
C GLN D 108 23.93 -18.22 -0.27
N HIS D 109 23.18 -18.06 0.82
CA HIS D 109 22.56 -16.75 1.10
C HIS D 109 23.62 -15.73 1.63
N GLY D 110 23.72 -14.58 1.01
CA GLY D 110 24.79 -13.67 1.39
C GLY D 110 26.14 -14.09 0.85
N SER D 111 26.21 -15.12 -0.01
CA SER D 111 27.49 -15.39 -0.67
C SER D 111 27.82 -14.45 -1.85
N GLY D 112 26.88 -13.59 -2.28
CA GLY D 112 26.98 -12.86 -3.56
C GLY D 112 26.64 -13.68 -4.84
N LEU D 113 26.30 -14.97 -4.69
CA LEU D 113 25.86 -15.79 -5.81
C LEU D 113 24.67 -15.15 -6.57
N ASN D 114 23.59 -14.76 -5.87
CA ASN D 114 22.47 -14.02 -6.51
C ASN D 114 22.93 -12.87 -7.37
N ARG D 115 23.77 -11.95 -6.85
CA ARG D 115 24.28 -10.86 -7.73
C ARG D 115 24.97 -11.36 -9.02
N MET D 116 25.79 -12.42 -8.93
N MET D 116 25.75 -12.44 -8.90
CA MET D 116 26.48 -12.95 -10.10
CA MET D 116 26.50 -13.01 -10.00
C MET D 116 25.51 -13.52 -11.10
C MET D 116 25.60 -13.63 -11.06
N ILE D 117 24.51 -14.25 -10.61
CA ILE D 117 23.52 -14.86 -11.45
C ILE D 117 22.75 -13.78 -12.20
N LYS D 118 22.30 -12.78 -11.47
CA LYS D 118 21.58 -11.66 -12.08
C LYS D 118 22.51 -10.98 -13.05
N TYR D 119 23.80 -10.83 -12.71
CA TYR D 119 24.76 -10.18 -13.62
C TYR D 119 24.83 -10.92 -14.98
N LEU D 120 24.89 -12.25 -14.95
CA LEU D 120 25.03 -13.05 -16.16
C LEU D 120 23.73 -12.94 -16.93
N MET D 121 22.60 -13.03 -16.22
CA MET D 121 21.30 -12.90 -16.89
C MET D 121 21.11 -11.50 -17.59
N LEU D 122 21.40 -10.43 -16.85
CA LEU D 122 21.29 -9.06 -17.38
C LEU D 122 22.20 -8.85 -18.57
N LYS D 123 23.45 -9.36 -18.45
CA LYS D 123 24.42 -9.24 -19.56
C LYS D 123 23.84 -9.86 -20.82
N HIS D 124 23.20 -11.02 -20.68
CA HIS D 124 22.72 -11.72 -21.84
C HIS D 124 21.45 -11.01 -22.40
N ALA D 125 20.57 -10.62 -21.49
CA ALA D 125 19.30 -9.89 -21.87
C ALA D 125 19.62 -8.57 -22.61
N PHE D 126 20.55 -7.78 -22.08
CA PHE D 126 20.86 -6.47 -22.72
C PHE D 126 21.88 -6.58 -23.87
N ASP D 127 22.93 -7.37 -23.68
CA ASP D 127 24.06 -7.38 -24.62
C ASP D 127 23.81 -8.30 -25.79
N ASN D 128 23.15 -9.42 -25.53
CA ASN D 128 22.76 -10.35 -26.57
C ASN D 128 21.34 -10.22 -27.05
N LEU D 129 20.35 -10.23 -26.16
CA LEU D 129 18.93 -10.14 -26.61
C LEU D 129 18.50 -8.73 -26.99
N ARG D 130 19.35 -7.78 -26.66
CA ARG D 130 19.11 -6.40 -27.04
C ARG D 130 17.79 -5.89 -26.45
N MET D 131 17.48 -6.27 -25.22
CA MET D 131 16.24 -5.79 -24.61
C MET D 131 16.34 -4.32 -24.22
N VAL D 132 15.20 -3.67 -24.10
CA VAL D 132 15.16 -2.28 -23.68
C VAL D 132 14.67 -2.19 -22.20
N ARG D 133 14.31 -3.34 -21.59
CA ARG D 133 13.74 -3.36 -20.24
C ARG D 133 13.90 -4.73 -19.69
N VAL D 134 14.39 -4.83 -18.45
CA VAL D 134 14.25 -6.08 -17.76
C VAL D 134 13.49 -5.85 -16.47
N GLN D 135 12.41 -6.59 -16.28
CA GLN D 135 11.60 -6.42 -15.08
C GLN D 135 12.12 -7.35 -13.99
N LEU D 136 11.97 -6.94 -12.72
CA LEU D 136 12.09 -7.82 -11.55
C LEU D 136 10.96 -7.43 -10.64
N SER D 137 10.50 -8.39 -9.86
CA SER D 137 9.37 -8.17 -9.01
C SER D 137 9.44 -9.17 -7.84
N THR D 138 8.81 -8.81 -6.74
CA THR D 138 8.82 -9.67 -5.55
C THR D 138 7.63 -9.33 -4.65
N ALA D 139 7.29 -10.25 -3.75
CA ALA D 139 6.20 -10.02 -2.78
C ALA D 139 6.52 -8.86 -1.94
N ALA D 140 5.49 -8.08 -1.63
CA ALA D 140 5.57 -6.94 -0.75
C ALA D 140 6.10 -7.33 0.64
N SER D 141 5.82 -8.58 1.05
CA SER D 141 6.27 -9.19 2.35
C SER D 141 7.75 -9.66 2.35
N ASN D 142 8.37 -9.79 1.16
CA ASN D 142 9.70 -10.33 1.00
C ASN D 142 10.82 -9.31 1.08
N LEU D 143 11.13 -8.82 2.28
CA LEU D 143 12.09 -7.71 2.44
C LEU D 143 13.51 -8.08 2.05
N ARG D 144 13.86 -9.35 2.20
CA ARG D 144 15.20 -9.80 1.84
C ARG D 144 15.37 -9.66 0.29
N ALA D 145 14.48 -10.29 -0.50
CA ALA D 145 14.46 -10.09 -1.96
C ALA D 145 14.37 -8.65 -2.41
N GLN D 146 13.64 -7.82 -1.67
CA GLN D 146 13.57 -6.39 -1.98
C GLN D 146 14.94 -5.76 -1.88
N GLY D 147 15.65 -6.10 -0.79
CA GLY D 147 16.98 -5.56 -0.57
C GLY D 147 17.95 -6.03 -1.63
N ALA D 148 17.87 -7.27 -2.07
CA ALA D 148 18.76 -7.74 -3.14
C ALA D 148 18.39 -7.05 -4.47
N ILE D 149 17.09 -6.88 -4.75
CA ILE D 149 16.72 -6.14 -5.98
C ILE D 149 17.31 -4.73 -5.97
N ASP D 150 17.15 -3.99 -4.86
CA ASP D 150 17.61 -2.60 -4.70
C ASP D 150 19.10 -2.49 -4.94
N LYS D 151 19.83 -3.49 -4.41
CA LYS D 151 21.27 -3.52 -4.51
C LYS D 151 21.74 -3.76 -5.94
N LEU D 152 20.96 -4.49 -6.74
CA LEU D 152 21.27 -4.56 -8.19
C LEU D 152 21.19 -3.22 -8.92
N GLY D 153 20.43 -2.29 -8.39
CA GLY D 153 20.28 -1.03 -9.09
C GLY D 153 18.99 -0.93 -9.88
N ALA D 154 18.03 -1.83 -9.65
CA ALA D 154 16.69 -1.74 -10.23
C ALA D 154 15.79 -0.72 -9.50
N GLN D 155 15.03 0.05 -10.27
CA GLN D 155 14.22 1.12 -9.72
C GLN D 155 12.82 0.57 -9.55
N ARG D 156 12.22 0.82 -8.38
CA ARG D 156 10.88 0.35 -8.12
C ARG D 156 9.87 1.14 -8.96
N GLU D 157 8.94 0.45 -9.63
CA GLU D 157 8.00 1.13 -10.51
C GLU D 157 6.58 1.14 -10.00
N GLY D 158 6.22 0.19 -9.14
CA GLY D 158 4.84 -0.02 -8.71
C GLY D 158 4.64 -0.98 -7.57
N VAL D 159 3.44 -0.94 -7.02
CA VAL D 159 2.94 -1.97 -6.08
C VAL D 159 1.58 -2.40 -6.62
N LEU D 160 1.52 -3.66 -7.02
CA LEU D 160 0.32 -4.24 -7.53
C LEU D 160 -0.39 -5.00 -6.39
N ARG D 161 -1.65 -4.59 -6.12
CA ARG D 161 -2.45 -5.10 -5.00
C ARG D 161 -3.13 -6.37 -5.40
N ASN D 162 -3.19 -7.30 -4.44
CA ASN D 162 -3.84 -8.60 -4.66
C ASN D 162 -3.30 -9.31 -5.89
N HIS D 163 -1.97 -9.30 -6.02
CA HIS D 163 -1.36 -9.73 -7.26
C HIS D 163 -0.74 -11.15 -7.20
N ARG D 164 -0.52 -11.65 -5.98
CA ARG D 164 0.10 -12.95 -5.74
C ARG D 164 -0.39 -13.67 -4.48
N ARG D 165 -0.20 -15.00 -4.46
CA ARG D 165 -0.25 -15.79 -3.21
C ARG D 165 1.15 -16.23 -2.72
N LEU D 166 1.30 -16.32 -1.40
CA LEU D 166 2.54 -16.72 -0.76
C LEU D 166 2.52 -18.25 -0.71
N ALA D 167 3.52 -18.88 -0.08
CA ALA D 167 3.58 -20.36 -0.10
C ALA D 167 2.35 -21.07 0.52
N GLY D 168 1.82 -20.52 1.63
CA GLY D 168 0.63 -21.16 2.25
C GLY D 168 -0.73 -20.77 1.63
N GLY D 169 -0.66 -20.03 0.52
CA GLY D 169 -1.84 -19.52 -0.14
C GLY D 169 -2.32 -18.12 0.26
N ARG D 170 -1.63 -17.41 1.16
CA ARG D 170 -2.06 -16.05 1.52
C ARG D 170 -1.87 -15.02 0.37
N LEU D 171 -2.84 -14.12 0.21
CA LEU D 171 -2.82 -13.06 -0.80
C LEU D 171 -1.87 -11.99 -0.41
N ASP D 172 -1.10 -11.53 -1.39
CA ASP D 172 -0.12 -10.49 -1.15
C ASP D 172 -0.03 -9.53 -2.35
N ASP D 173 0.49 -8.35 -2.10
CA ASP D 173 0.87 -7.39 -3.13
C ASP D 173 2.24 -7.70 -3.78
N THR D 174 2.53 -7.08 -4.94
CA THR D 174 3.78 -7.31 -5.70
C THR D 174 4.48 -5.97 -5.84
N PHE D 175 5.76 -5.93 -5.47
CA PHE D 175 6.63 -4.80 -5.75
C PHE D 175 7.32 -5.03 -7.11
N VAL D 176 7.13 -4.11 -8.06
CA VAL D 176 7.65 -4.26 -9.43
C VAL D 176 8.77 -3.24 -9.69
N TYR D 177 9.84 -3.73 -10.34
CA TYR D 177 11.04 -2.99 -10.58
C TYR D 177 11.44 -3.11 -12.03
N SER D 178 12.29 -2.23 -12.52
CA SER D 178 12.98 -2.58 -13.77
C SER D 178 14.37 -1.96 -13.83
N ILE D 179 15.13 -2.42 -14.81
CA ILE D 179 16.35 -1.76 -15.30
C ILE D 179 16.10 -1.54 -16.80
N THR D 180 16.40 -0.35 -17.32
CA THR D 180 16.17 -0.13 -18.76
C THR D 180 17.55 -0.21 -19.43
N ASP D 181 17.55 -0.38 -20.74
CA ASP D 181 18.81 -0.41 -21.48
C ASP D 181 19.74 0.78 -21.17
N HIS D 182 19.13 1.93 -20.91
CA HIS D 182 19.89 3.13 -20.59
C HIS D 182 20.58 3.07 -19.24
N GLU D 183 19.98 2.41 -18.24
CA GLU D 183 20.65 2.27 -16.93
C GLU D 183 21.71 1.13 -16.88
N TRP D 184 21.61 0.19 -17.83
CA TRP D 184 22.43 -1.01 -17.78
C TRP D 184 23.94 -0.76 -17.65
N PRO D 185 24.49 0.17 -18.47
CA PRO D 185 25.95 0.42 -18.36
C PRO D 185 26.44 0.73 -16.95
N GLN D 186 25.70 1.55 -16.21
CA GLN D 186 26.00 1.93 -14.86
C GLN D 186 25.73 0.79 -13.91
N VAL D 187 24.60 0.09 -14.08
CA VAL D 187 24.32 -1.15 -13.33
C VAL D 187 25.46 -2.22 -13.52
N LYS D 188 25.85 -2.47 -14.76
CA LYS D 188 26.94 -3.36 -15.13
C LYS D 188 28.25 -2.93 -14.44
N ALA D 189 28.57 -1.63 -14.47
CA ALA D 189 29.80 -1.11 -13.83
C ALA D 189 29.82 -1.37 -12.35
N ALA D 190 28.71 -1.10 -11.68
CA ALA D 190 28.67 -1.32 -10.24
C ALA D 190 28.69 -2.80 -9.86
N LEU D 191 27.91 -3.62 -10.56
CA LEU D 191 27.97 -5.08 -10.41
C LEU D 191 29.41 -5.60 -10.56
N GLU D 192 30.08 -5.20 -11.67
CA GLU D 192 31.50 -5.54 -11.91
C GLU D 192 32.49 -5.18 -10.77
N ALA D 193 32.40 -3.94 -10.29
CA ALA D 193 33.07 -3.48 -9.06
C ALA D 193 32.80 -4.34 -7.85
N SER D 194 31.54 -4.71 -7.63
CA SER D 194 31.24 -5.44 -6.43
C SER D 194 31.89 -6.83 -6.45
N PHE D 195 32.38 -7.29 -7.60
CA PHE D 195 32.95 -8.66 -7.69
C PHE D 195 34.46 -8.72 -7.34
N THR D 196 35.08 -7.54 -7.45
CA THR D 196 36.51 -7.37 -7.52
C THR D 196 37.08 -6.70 -6.26
#